data_6BU7
#
_entry.id   6BU7
#
_cell.length_a   117.283
_cell.length_b   117.283
_cell.length_c   224.535
_cell.angle_alpha   90.00
_cell.angle_beta   90.00
_cell.angle_gamma   90.00
#
_symmetry.space_group_name_H-M   'P 43 21 2'
#
loop_
_entity.id
_entity.type
_entity.pdbx_description
1 polymer 'Trypanothione reductase'
2 non-polymer 'FLAVIN-ADENINE DINUCLEOTIDE'
3 non-polymer 'SULFATE ION'
4 non-polymer 1-[2-(piperidin-4-yl)ethyl]-5-{5-[1-(pyrrolidin-1-yl)cyclohexyl]-1,3-thiazol-2-yl}-1H-indole
5 non-polymer '4-(2-HYDROXYETHYL)-1-PIPERAZINE ETHANESULFONIC ACID'
6 non-polymer GLYCEROL
7 water water
#
_entity_poly.entity_id   1
_entity_poly.type   'polypeptide(L)'
_entity_poly.pdbx_seq_one_letter_code
;GSHMSKAFDLVVIGAGSGGLEAGWNAATLYGKRVAVVDVQTSHGPPFYAALGGTCVNVGCVPKKLMVTGAQYMDHLRESA
GFGWEFDGSSVKANWKKLIAAKNEAVLDINKSYEGMFNDTEGLDFFLGWGSLESKNVVVVRETADPKSAVKERLQADHIL
LATGSWPQMPAIPGIEHCISSNEAFYLPEPPRRVLTVGGGFISVEFAGIFNAYKPPGGKVTLCYRNNLILRGFDETIREE
VTKQLTANGIEIMTNENPAKVSLNTDGSKHVTFESGKTLDVDVVMMAIGRIPRTNDLQLGNVGVKLTPKGGVQVDEFSRT
NVPNIYAIGDITDRLMLTPVAINEGAALVDTVFGNKPRKTDHTRVASAVFSIPPIGTCGLIEEVAAKEFEKVAVYMSSFT
PLMHNISGSKYKKFVAKIVTNHSDGTVLGVHLLGDGAPEIIQAVGVCLRLNAKISDFYNTIGVHPTSAEELCSMRTPSYY
YVKGEKMEKLPDSNL
;
_entity_poly.pdbx_strand_id   A,B
#
loop_
_chem_comp.id
_chem_comp.type
_chem_comp.name
_chem_comp.formula
EPE non-polymer '4-(2-HYDROXYETHYL)-1-PIPERAZINE ETHANESULFONIC ACID' 'C8 H18 N2 O4 S'
FAD non-polymer 'FLAVIN-ADENINE DINUCLEOTIDE' 'C27 H33 N9 O15 P2'
GOL non-polymer GLYCEROL 'C3 H8 O3'
RD0 non-polymer 1-[2-(piperidin-4-yl)ethyl]-5-{5-[1-(pyrrolidin-1-yl)cyclohexyl]-1,3-thiazol-2-yl}-1H-indole 'C28 H38 N4 S'
SO4 non-polymer 'SULFATE ION' 'O4 S -2'
#
# COMPACT_ATOMS: atom_id res chain seq x y z
N MET A 4 40.88 1.07 35.73
CA MET A 4 41.15 -0.13 34.97
C MET A 4 40.11 -0.23 33.86
N SER A 5 38.85 -0.33 34.29
CA SER A 5 37.72 -0.43 33.38
C SER A 5 37.23 0.93 32.94
N LYS A 6 37.74 1.97 33.58
CA LYS A 6 37.42 3.34 33.29
C LYS A 6 35.93 3.67 33.30
N ALA A 7 35.59 4.65 32.49
CA ALA A 7 34.23 5.08 32.39
C ALA A 7 33.60 4.41 31.19
N PHE A 8 32.66 5.10 30.59
CA PHE A 8 32.01 4.58 29.43
C PHE A 8 32.09 5.61 28.35
N ASP A 9 32.56 5.24 27.19
CA ASP A 9 32.55 6.21 26.11
C ASP A 9 31.16 6.81 25.91
N LEU A 10 30.12 6.12 26.39
CA LEU A 10 28.76 6.59 26.29
C LEU A 10 27.84 5.77 27.17
N VAL A 11 27.00 6.42 27.98
CA VAL A 11 25.94 5.77 28.73
C VAL A 11 24.60 6.30 28.22
N VAL A 12 23.62 5.41 28.12
CA VAL A 12 22.32 5.74 27.56
C VAL A 12 21.26 5.44 28.62
N ILE A 13 20.42 6.43 28.92
CA ILE A 13 19.29 6.27 29.82
C ILE A 13 18.05 6.05 28.98
N GLY A 14 17.40 4.90 29.17
CA GLY A 14 16.25 4.54 28.36
C GLY A 14 16.65 3.78 27.11
N ALA A 15 16.29 2.50 27.05
CA ALA A 15 16.63 1.65 25.92
C ALA A 15 15.43 1.48 24.99
N GLY A 16 15.01 2.60 24.41
CA GLY A 16 13.88 2.64 23.49
C GLY A 16 14.31 2.50 22.05
N SER A 17 13.51 3.11 21.16
CA SER A 17 13.85 3.09 19.74
C SER A 17 15.17 3.80 19.48
N GLY A 18 15.35 5.00 20.05
CA GLY A 18 16.56 5.74 19.83
C GLY A 18 17.70 5.31 20.72
N GLY A 19 17.39 4.93 21.97
CA GLY A 19 18.42 4.50 22.88
C GLY A 19 19.25 3.36 22.34
N LEU A 20 18.58 2.36 21.74
CA LEU A 20 19.29 1.17 21.27
C LEU A 20 20.05 1.43 19.99
N GLU A 21 19.47 2.18 19.04
CA GLU A 21 20.18 2.46 17.81
C GLU A 21 21.47 3.24 18.05
N ALA A 22 21.56 3.98 19.16
CA ALA A 22 22.78 4.72 19.46
C ALA A 22 23.82 3.84 20.13
N GLY A 23 23.39 3.00 21.08
CA GLY A 23 24.32 2.10 21.75
C GLY A 23 24.86 1.02 20.83
N TRP A 24 24.05 0.56 19.87
CA TRP A 24 24.51 -0.43 18.91
C TRP A 24 25.47 0.20 17.90
N ASN A 25 25.12 1.36 17.35
CA ASN A 25 26.03 2.10 16.48
C ASN A 25 27.02 2.84 17.37
N ALA A 26 27.98 2.09 17.89
CA ALA A 26 28.98 2.62 18.81
C ALA A 26 29.78 1.46 19.38
N ALA A 27 29.08 0.40 19.77
CA ALA A 27 29.76 -0.81 20.25
C ALA A 27 30.24 -1.66 19.09
N THR A 28 29.44 -1.77 18.03
CA THR A 28 29.78 -2.58 16.87
C THR A 28 30.33 -1.76 15.71
N LEU A 29 30.00 -0.48 15.62
CA LEU A 29 30.50 0.39 14.56
C LEU A 29 31.76 1.16 14.94
N TYR A 30 31.97 1.42 16.23
CA TYR A 30 33.11 2.23 16.65
C TYR A 30 33.82 1.68 17.87
N GLY A 31 33.54 0.44 18.27
CA GLY A 31 34.24 -0.18 19.39
C GLY A 31 34.28 0.66 20.64
N LYS A 32 33.23 1.44 20.87
CA LYS A 32 33.14 2.28 22.05
C LYS A 32 32.52 1.51 23.21
N ARG A 33 32.94 1.86 24.42
CA ARG A 33 32.30 1.33 25.61
C ARG A 33 30.94 1.99 25.77
N VAL A 34 29.90 1.18 25.97
CA VAL A 34 28.53 1.69 26.01
C VAL A 34 27.78 1.00 27.15
N ALA A 35 27.05 1.79 27.92
CA ALA A 35 26.13 1.29 28.94
C ALA A 35 24.72 1.70 28.55
N VAL A 36 23.74 0.91 29.00
CA VAL A 36 22.34 1.18 28.68
C VAL A 36 21.51 0.85 29.90
N VAL A 37 20.74 1.83 30.39
CA VAL A 37 19.92 1.69 31.59
C VAL A 37 18.45 1.75 31.19
N ASP A 38 17.72 0.70 31.53
CA ASP A 38 16.26 0.70 31.42
C ASP A 38 15.69 0.01 32.64
N VAL A 39 14.39 0.23 32.88
CA VAL A 39 13.78 -0.16 34.15
C VAL A 39 13.14 -1.55 34.12
N GLN A 40 13.16 -2.23 32.97
CA GLN A 40 12.60 -3.58 32.89
C GLN A 40 13.25 -4.30 31.72
N THR A 41 13.16 -5.63 31.75
CA THR A 41 13.63 -6.45 30.66
C THR A 41 12.50 -7.04 29.83
N SER A 42 11.31 -7.15 30.39
CA SER A 42 10.15 -7.70 29.71
C SER A 42 9.03 -6.67 29.68
N HIS A 43 8.24 -6.70 28.62
CA HIS A 43 7.06 -5.85 28.52
C HIS A 43 6.19 -6.02 29.76
N GLY A 44 5.23 -5.11 29.96
CA GLY A 44 4.16 -5.34 30.90
C GLY A 44 4.27 -4.54 32.18
N PRO A 45 3.26 -4.67 33.05
CA PRO A 45 3.29 -3.99 34.35
C PRO A 45 4.55 -4.35 35.11
N PRO A 46 4.96 -3.53 36.08
CA PRO A 46 4.30 -2.28 36.48
C PRO A 46 4.72 -1.06 35.64
N PHE A 47 5.78 -1.20 34.86
CA PHE A 47 6.32 -0.08 34.10
C PHE A 47 5.95 -0.14 32.62
N TYR A 48 5.31 -1.22 32.17
CA TYR A 48 4.78 -1.35 30.81
C TYR A 48 5.89 -1.27 29.77
N ALA A 49 6.37 -0.06 29.46
CA ALA A 49 7.53 0.07 28.59
C ALA A 49 8.76 -0.53 29.26
N ALA A 50 9.59 -1.21 28.48
CA ALA A 50 10.77 -1.87 29.02
C ALA A 50 11.84 -1.93 27.93
N LEU A 51 12.83 -2.79 28.12
CA LEU A 51 13.87 -3.00 27.12
C LEU A 51 13.25 -3.12 25.74
N GLY A 52 13.59 -2.19 24.86
CA GLY A 52 13.02 -2.11 23.53
C GLY A 52 12.23 -0.84 23.26
N GLY A 53 11.75 -0.17 24.31
CA GLY A 53 11.09 1.12 24.18
C GLY A 53 9.58 0.99 24.16
N THR A 54 8.95 2.17 24.12
CA THR A 54 7.50 2.22 23.99
C THR A 54 7.04 1.58 22.68
N CYS A 55 7.84 1.77 21.62
CA CYS A 55 7.47 1.23 20.30
C CYS A 55 7.34 -0.29 20.35
N VAL A 56 8.30 -0.96 21.00
CA VAL A 56 8.32 -2.42 20.99
C VAL A 56 7.33 -2.99 22.00
N ASN A 57 7.16 -2.33 23.14
CA ASN A 57 6.40 -2.89 24.26
C ASN A 57 4.96 -2.40 24.30
N VAL A 58 4.74 -1.09 24.17
CA VAL A 58 3.40 -0.54 24.35
C VAL A 58 3.14 0.54 23.30
N GLY A 59 3.46 0.22 22.04
CA GLY A 59 3.24 1.14 20.94
C GLY A 59 3.14 0.45 19.59
N CYS A 60 3.98 0.88 18.65
CA CYS A 60 3.98 0.40 17.27
C CYS A 60 3.62 -1.07 17.14
N VAL A 61 4.51 -1.95 17.59
CA VAL A 61 4.38 -3.39 17.33
C VAL A 61 3.06 -3.91 17.88
N PRO A 62 2.82 -3.82 19.20
CA PRO A 62 1.58 -4.39 19.74
C PRO A 62 0.32 -3.70 19.21
N LYS A 63 0.39 -2.42 18.85
CA LYS A 63 -0.79 -1.75 18.32
C LYS A 63 -1.16 -2.28 16.94
N LYS A 64 -0.19 -2.33 16.02
CA LYS A 64 -0.44 -2.87 14.69
C LYS A 64 -1.06 -4.26 14.76
N LEU A 65 -0.49 -5.13 15.61
CA LEU A 65 -1.03 -6.48 15.75
C LEU A 65 -2.49 -6.44 16.18
N MET A 66 -2.84 -5.53 17.09
CA MET A 66 -4.21 -5.48 17.56
C MET A 66 -5.15 -4.84 16.53
N VAL A 67 -4.67 -3.85 15.79
CA VAL A 67 -5.50 -3.27 14.73
C VAL A 67 -5.78 -4.31 13.66
N THR A 68 -4.73 -5.00 13.21
CA THR A 68 -4.91 -6.11 12.29
C THR A 68 -6.00 -7.05 12.78
N GLY A 69 -5.88 -7.55 14.01
CA GLY A 69 -6.92 -8.37 14.57
C GLY A 69 -8.28 -7.70 14.54
N ALA A 70 -8.32 -6.37 14.71
CA ALA A 70 -9.60 -5.67 14.70
C ALA A 70 -10.15 -5.53 13.29
N GLN A 71 -9.28 -5.38 12.30
CA GLN A 71 -9.76 -5.31 10.91
C GLN A 71 -10.59 -6.53 10.56
N TYR A 72 -10.36 -7.66 11.23
CA TYR A 72 -11.06 -8.89 10.89
C TYR A 72 -12.56 -8.75 11.12
N MET A 73 -12.98 -7.87 12.04
CA MET A 73 -14.41 -7.60 12.16
C MET A 73 -14.98 -7.15 10.82
N ASP A 74 -14.28 -6.23 10.15
CA ASP A 74 -14.75 -5.77 8.84
C ASP A 74 -14.64 -6.88 7.81
N HIS A 75 -13.51 -7.60 7.79
CA HIS A 75 -13.32 -8.67 6.83
C HIS A 75 -14.47 -9.67 6.86
N LEU A 76 -14.77 -10.21 8.05
CA LEU A 76 -15.83 -11.19 8.16
C LEU A 76 -17.14 -10.65 7.62
N ARG A 77 -17.48 -9.40 7.98
CA ARG A 77 -18.73 -8.81 7.52
C ARG A 77 -18.72 -8.63 6.01
N GLU A 78 -17.60 -8.16 5.46
CA GLU A 78 -17.55 -7.84 4.04
C GLU A 78 -17.43 -9.06 3.14
N SER A 79 -17.04 -10.22 3.69
CA SER A 79 -16.92 -11.41 2.88
C SER A 79 -18.27 -11.82 2.27
N ALA A 80 -19.38 -11.51 2.94
CA ALA A 80 -20.68 -11.95 2.45
C ALA A 80 -20.93 -11.45 1.04
N GLY A 81 -20.57 -10.20 0.76
CA GLY A 81 -20.75 -9.66 -0.58
C GLY A 81 -20.07 -10.48 -1.65
N PHE A 82 -18.96 -11.14 -1.31
CA PHE A 82 -18.22 -11.97 -2.25
C PHE A 82 -18.63 -13.43 -2.19
N GLY A 83 -19.75 -13.74 -1.55
CA GLY A 83 -20.30 -15.07 -1.56
C GLY A 83 -19.94 -15.95 -0.39
N TRP A 84 -19.33 -15.41 0.66
CA TRP A 84 -18.88 -16.21 1.79
C TRP A 84 -19.96 -16.28 2.86
N GLU A 85 -20.24 -17.48 3.34
CA GLU A 85 -21.23 -17.69 4.39
C GLU A 85 -20.64 -18.54 5.50
N PHE A 86 -21.16 -18.35 6.71
CA PHE A 86 -20.74 -19.05 7.92
C PHE A 86 -21.61 -18.57 9.07
N ASP A 87 -21.77 -19.43 10.08
CA ASP A 87 -22.66 -19.15 11.20
C ASP A 87 -22.41 -17.75 11.77
N GLY A 88 -23.33 -16.83 11.52
CA GLY A 88 -23.13 -15.45 11.97
C GLY A 88 -23.14 -15.32 13.48
N SER A 89 -24.11 -15.96 14.14
CA SER A 89 -24.23 -15.83 15.59
C SER A 89 -23.15 -16.59 16.36
N SER A 90 -22.35 -17.40 15.68
CA SER A 90 -21.29 -18.15 16.36
C SER A 90 -19.97 -17.39 16.43
N VAL A 91 -19.88 -16.22 15.79
CA VAL A 91 -18.62 -15.49 15.77
C VAL A 91 -18.34 -14.93 17.16
N LYS A 92 -17.09 -15.06 17.61
CA LYS A 92 -16.68 -14.57 18.91
C LYS A 92 -15.31 -13.92 18.77
N ALA A 93 -15.21 -12.68 19.24
CA ALA A 93 -13.95 -11.94 19.22
C ALA A 93 -13.28 -12.17 20.57
N ASN A 94 -12.33 -13.10 20.60
CA ASN A 94 -11.72 -13.58 21.84
C ASN A 94 -10.55 -12.66 22.18
N TRP A 95 -10.81 -11.69 23.06
CA TRP A 95 -9.79 -10.70 23.39
C TRP A 95 -8.63 -11.33 24.17
N LYS A 96 -8.96 -12.24 25.09
CA LYS A 96 -7.93 -12.91 25.87
C LYS A 96 -6.94 -13.65 24.97
N LYS A 97 -7.44 -14.25 23.89
CA LYS A 97 -6.55 -14.93 22.95
C LYS A 97 -5.69 -13.93 22.19
N LEU A 98 -6.26 -12.79 21.82
CA LEU A 98 -5.51 -11.77 21.10
C LEU A 98 -4.36 -11.22 21.93
N ILE A 99 -4.64 -10.85 23.19
CA ILE A 99 -3.61 -10.27 24.04
C ILE A 99 -2.46 -11.24 24.24
N ALA A 100 -2.76 -12.54 24.38
CA ALA A 100 -1.70 -13.53 24.56
C ALA A 100 -0.82 -13.60 23.33
N ALA A 101 -1.43 -13.72 22.14
CA ALA A 101 -0.65 -13.69 20.90
C ALA A 101 0.25 -12.47 20.86
N LYS A 102 -0.28 -11.30 21.23
CA LYS A 102 0.53 -10.09 21.26
C LYS A 102 1.65 -10.21 22.29
N ASN A 103 1.32 -10.62 23.52
CA ASN A 103 2.33 -10.72 24.55
C ASN A 103 3.49 -11.61 24.09
N GLU A 104 3.18 -12.74 23.46
CA GLU A 104 4.25 -13.62 22.98
C GLU A 104 5.09 -12.94 21.90
N ALA A 105 4.47 -12.16 21.02
CA ALA A 105 5.25 -11.43 20.04
C ALA A 105 6.19 -10.44 20.71
N VAL A 106 5.68 -9.68 21.68
CA VAL A 106 6.48 -8.66 22.33
C VAL A 106 7.64 -9.30 23.10
N LEU A 107 7.34 -10.35 23.87
CA LEU A 107 8.39 -11.00 24.65
C LEU A 107 9.48 -11.59 23.75
N ASP A 108 9.11 -12.04 22.54
CA ASP A 108 10.12 -12.49 21.59
C ASP A 108 11.16 -11.41 21.33
N ILE A 109 10.70 -10.19 21.05
CA ILE A 109 11.61 -9.06 20.87
C ILE A 109 12.33 -8.75 22.18
N ASN A 110 11.63 -8.86 23.31
CA ASN A 110 12.26 -8.60 24.60
C ASN A 110 13.48 -9.48 24.79
N LYS A 111 13.40 -10.76 24.38
CA LYS A 111 14.51 -11.67 24.61
C LYS A 111 15.63 -11.45 23.60
N SER A 112 15.29 -11.25 22.32
CA SER A 112 16.34 -11.02 21.33
C SER A 112 17.25 -9.87 21.77
N TYR A 113 16.66 -8.71 22.08
CA TYR A 113 17.43 -7.63 22.68
C TYR A 113 18.12 -8.11 23.95
N GLU A 114 17.41 -8.88 24.78
CA GLU A 114 18.01 -9.45 25.97
C GLU A 114 19.29 -10.20 25.63
N GLY A 115 19.30 -10.93 24.51
CA GLY A 115 20.51 -11.60 24.08
C GLY A 115 21.47 -10.70 23.32
N MET A 116 20.95 -9.66 22.67
CA MET A 116 21.82 -8.73 21.96
C MET A 116 22.88 -8.14 22.88
N PHE A 117 22.56 -7.97 24.16
CA PHE A 117 23.53 -7.41 25.10
C PHE A 117 24.52 -8.45 25.59
N ASN A 118 24.13 -9.73 25.62
CA ASN A 118 24.94 -10.76 26.25
C ASN A 118 26.02 -11.31 25.32
N ASP A 119 26.08 -10.89 24.06
CA ASP A 119 27.13 -11.31 23.14
C ASP A 119 27.58 -10.14 22.28
N THR A 120 27.92 -9.02 22.92
CA THR A 120 28.38 -7.83 22.20
C THR A 120 29.23 -7.01 23.17
N GLU A 121 30.55 -7.25 23.15
CA GLU A 121 31.45 -6.52 24.03
C GLU A 121 31.29 -5.02 23.84
N GLY A 122 31.53 -4.27 24.92
CA GLY A 122 31.32 -2.84 24.92
C GLY A 122 29.89 -2.41 25.04
N LEU A 123 28.94 -3.34 24.96
CA LEU A 123 27.51 -3.06 25.09
C LEU A 123 26.99 -3.85 26.29
N ASP A 124 26.58 -3.14 27.34
CA ASP A 124 26.18 -3.76 28.59
C ASP A 124 24.88 -3.15 29.07
N PHE A 125 23.98 -3.98 29.59
CA PHE A 125 22.67 -3.53 30.03
C PHE A 125 22.64 -3.46 31.56
N PHE A 126 22.15 -2.33 32.08
CA PHE A 126 22.00 -2.12 33.51
C PHE A 126 20.52 -1.92 33.84
N LEU A 127 19.96 -2.85 34.60
CA LEU A 127 18.57 -2.75 35.02
C LEU A 127 18.42 -1.71 36.13
N GLY A 128 17.41 -0.87 36.01
CA GLY A 128 17.05 0.05 37.06
C GLY A 128 16.69 1.42 36.52
N TRP A 129 16.59 2.38 37.43
CA TRP A 129 16.23 3.75 37.12
C TRP A 129 17.47 4.62 37.03
N GLY A 130 17.54 5.44 35.98
CA GLY A 130 18.69 6.29 35.74
C GLY A 130 18.44 7.75 36.06
N SER A 131 19.17 8.28 37.03
CA SER A 131 19.11 9.69 37.38
C SER A 131 20.44 10.33 37.11
N LEU A 132 20.42 11.65 36.91
CA LEU A 132 21.62 12.40 36.57
C LEU A 132 22.23 12.96 37.84
N GLU A 133 23.45 12.52 38.17
CA GLU A 133 24.16 13.01 39.35
C GLU A 133 24.99 14.24 38.99
N SER A 134 26.27 14.05 38.72
CA SER A 134 27.12 15.10 38.18
C SER A 134 26.87 15.24 36.68
N LYS A 135 27.56 16.19 36.05
CA LYS A 135 27.46 16.30 34.60
C LYS A 135 28.18 15.17 33.87
N ASN A 136 28.77 14.22 34.60
CA ASN A 136 29.47 13.09 33.99
C ASN A 136 29.25 11.80 34.78
N VAL A 137 28.12 11.70 35.49
CA VAL A 137 27.79 10.51 36.26
C VAL A 137 26.29 10.26 36.15
N VAL A 138 25.92 9.02 35.89
CA VAL A 138 24.53 8.59 35.82
C VAL A 138 24.24 7.69 37.01
N VAL A 139 23.15 7.96 37.71
CA VAL A 139 22.79 7.25 38.93
C VAL A 139 21.71 6.22 38.61
N VAL A 140 21.99 4.96 38.95
CA VAL A 140 21.01 3.88 38.85
C VAL A 140 20.46 3.61 40.25
N ARG A 141 19.14 3.46 40.35
CA ARG A 141 18.50 3.15 41.62
C ARG A 141 17.44 2.08 41.41
N GLU A 142 17.11 1.38 42.49
CA GLU A 142 16.15 0.27 42.38
C GLU A 142 14.76 0.76 41.97
N THR A 143 14.42 2.01 42.29
CA THR A 143 13.14 2.57 41.91
C THR A 143 13.33 4.03 41.50
N ALA A 144 12.26 4.62 40.99
CA ALA A 144 12.27 6.01 40.56
C ALA A 144 12.42 6.99 41.71
N ASP A 145 12.32 6.53 42.96
CA ASP A 145 12.45 7.43 44.11
C ASP A 145 13.90 7.86 44.25
N PRO A 146 14.20 9.17 44.24
CA PRO A 146 15.60 9.60 44.40
C PRO A 146 16.27 9.09 45.66
N LYS A 147 15.50 8.61 46.63
CA LYS A 147 16.04 8.12 47.89
C LYS A 147 15.98 6.61 48.01
N SER A 148 15.99 5.90 46.88
CA SER A 148 16.00 4.45 46.87
C SER A 148 17.44 3.94 46.77
N ALA A 149 17.61 2.66 47.07
CA ALA A 149 18.95 2.10 47.13
C ALA A 149 19.61 2.17 45.76
N VAL A 150 20.93 2.34 45.75
CA VAL A 150 21.71 2.44 44.53
C VAL A 150 22.29 1.07 44.19
N LYS A 151 22.35 0.77 42.90
CA LYS A 151 22.98 -0.46 42.41
C LYS A 151 24.16 -0.20 41.49
N GLU A 152 24.29 1.01 40.93
CA GLU A 152 25.37 1.32 40.01
C GLU A 152 25.56 2.84 39.98
N ARG A 153 26.79 3.24 39.72
CA ARG A 153 27.13 4.63 39.40
C ARG A 153 28.05 4.59 38.19
N LEU A 154 27.53 4.98 37.04
CA LEU A 154 28.21 4.80 35.77
C LEU A 154 28.98 6.08 35.41
N GLN A 155 30.30 6.05 35.57
CA GLN A 155 31.13 7.11 35.04
C GLN A 155 30.97 7.18 33.53
N ALA A 156 30.74 8.38 33.00
CA ALA A 156 30.36 8.55 31.60
C ALA A 156 31.15 9.67 30.96
N ASP A 157 31.67 9.41 29.76
CA ASP A 157 32.25 10.47 28.95
C ASP A 157 31.16 11.24 28.21
N HIS A 158 30.20 10.52 27.63
CA HIS A 158 29.05 11.11 26.98
C HIS A 158 27.78 10.50 27.57
N ILE A 159 26.73 11.33 27.70
CA ILE A 159 25.47 10.92 28.29
C ILE A 159 24.36 11.25 27.31
N LEU A 160 23.58 10.24 26.93
CA LEU A 160 22.44 10.40 26.02
C LEU A 160 21.15 10.21 26.80
N LEU A 161 20.29 11.22 26.77
CA LEU A 161 18.97 11.15 27.39
C LEU A 161 17.97 10.69 26.34
N ALA A 162 17.31 9.56 26.59
CA ALA A 162 16.38 8.97 25.63
C ALA A 162 15.24 8.28 26.37
N THR A 163 14.72 8.93 27.41
CA THR A 163 13.72 8.32 28.27
C THR A 163 12.34 8.24 27.63
N GLY A 164 12.20 8.74 26.39
CA GLY A 164 10.91 8.73 25.72
C GLY A 164 9.95 9.73 26.33
N SER A 165 8.65 9.42 26.22
CA SER A 165 7.60 10.27 26.74
C SER A 165 6.61 9.43 27.54
N TRP A 166 5.65 10.09 28.15
CA TRP A 166 4.70 9.48 29.07
C TRP A 166 3.31 10.03 28.80
N PRO A 167 2.26 9.28 29.16
CA PRO A 167 0.90 9.76 28.89
C PRO A 167 0.49 10.87 29.83
N GLN A 168 0.01 11.96 29.26
CA GLN A 168 -0.47 13.11 30.02
C GLN A 168 -1.84 12.81 30.62
N MET A 169 -1.96 12.96 31.92
CA MET A 169 -3.23 12.78 32.61
C MET A 169 -3.75 14.12 33.11
N PRO A 170 -5.05 14.36 33.05
CA PRO A 170 -5.60 15.63 33.54
C PRO A 170 -5.83 15.58 35.05
N ALA A 171 -6.10 16.77 35.61
CA ALA A 171 -6.27 16.92 37.06
C ALA A 171 -7.76 17.09 37.36
N ILE A 172 -8.48 15.98 37.34
CA ILE A 172 -9.88 15.94 37.72
C ILE A 172 -10.06 14.90 38.81
N PRO A 173 -11.10 15.03 39.62
CA PRO A 173 -11.33 14.03 40.69
C PRO A 173 -11.70 12.68 40.09
N GLY A 174 -11.08 11.62 40.60
CA GLY A 174 -11.30 10.29 40.10
C GLY A 174 -10.42 9.88 38.93
N ILE A 175 -9.31 10.57 38.72
CA ILE A 175 -8.43 10.23 37.61
C ILE A 175 -7.70 8.90 37.86
N GLU A 176 -7.65 8.45 39.11
CA GLU A 176 -7.05 7.15 39.39
C GLU A 176 -7.83 6.02 38.74
N HIS A 177 -9.14 6.17 38.60
CA HIS A 177 -10.01 5.21 37.93
C HIS A 177 -9.85 5.22 36.42
N CYS A 178 -8.91 6.00 35.88
CA CYS A 178 -8.67 6.04 34.45
C CYS A 178 -7.39 5.28 34.12
N ILE A 179 -7.25 4.94 32.84
CA ILE A 179 -6.07 4.28 32.32
C ILE A 179 -5.56 5.09 31.14
N SER A 180 -4.30 4.84 30.77
CA SER A 180 -3.71 5.37 29.57
C SER A 180 -3.58 4.26 28.54
N SER A 181 -2.95 4.57 27.40
CA SER A 181 -2.64 3.52 26.43
C SER A 181 -1.86 2.37 27.07
N ASN A 182 -0.99 2.68 28.04
CA ASN A 182 -0.19 1.64 28.69
C ASN A 182 -1.08 0.50 29.18
N GLU A 183 -1.99 0.79 30.11
CA GLU A 183 -2.77 -0.26 30.75
C GLU A 183 -3.76 -0.91 29.80
N ALA A 184 -4.13 -0.24 28.71
CA ALA A 184 -5.08 -0.84 27.77
C ALA A 184 -4.52 -2.12 27.14
N PHE A 185 -3.20 -2.16 26.91
CA PHE A 185 -2.58 -3.35 26.35
C PHE A 185 -2.70 -4.56 27.26
N TYR A 186 -3.19 -4.39 28.48
CA TYR A 186 -3.16 -5.49 29.44
C TYR A 186 -4.49 -5.66 30.17
N LEU A 187 -5.58 -5.13 29.62
CA LEU A 187 -6.89 -5.38 30.21
C LEU A 187 -7.14 -6.88 30.25
N PRO A 188 -7.61 -7.42 31.39
CA PRO A 188 -7.89 -8.86 31.42
C PRO A 188 -8.99 -9.27 30.45
N GLU A 189 -10.05 -8.48 30.36
CA GLU A 189 -11.17 -8.70 29.46
C GLU A 189 -11.36 -7.49 28.56
N PRO A 190 -11.99 -7.65 27.41
CA PRO A 190 -12.34 -6.49 26.58
C PRO A 190 -13.50 -5.74 27.20
N PRO A 191 -13.44 -4.40 27.25
CA PRO A 191 -14.49 -3.64 27.94
C PRO A 191 -15.76 -3.58 27.09
N ARG A 192 -16.90 -3.81 27.75
CA ARG A 192 -18.18 -3.72 27.06
C ARG A 192 -18.45 -2.27 26.64
N ARG A 193 -18.25 -1.33 27.55
CA ARG A 193 -18.40 0.10 27.29
C ARG A 193 -17.07 0.78 27.61
N VAL A 194 -16.50 1.45 26.62
CA VAL A 194 -15.24 2.15 26.76
C VAL A 194 -15.41 3.59 26.32
N LEU A 195 -14.76 4.51 27.03
CA LEU A 195 -14.68 5.91 26.64
C LEU A 195 -13.21 6.28 26.49
N THR A 196 -12.81 6.67 25.28
CA THR A 196 -11.47 7.16 25.03
C THR A 196 -11.52 8.68 24.93
N VAL A 197 -10.67 9.34 25.71
CA VAL A 197 -10.68 10.80 25.81
C VAL A 197 -9.57 11.38 24.95
N GLY A 198 -9.91 12.40 24.18
CA GLY A 198 -8.95 13.09 23.34
C GLY A 198 -9.17 12.80 21.86
N GLY A 199 -8.49 13.58 21.03
CA GLY A 199 -8.63 13.48 19.59
C GLY A 199 -7.43 13.02 18.80
N GLY A 200 -6.38 12.51 19.45
CA GLY A 200 -5.18 12.12 18.74
C GLY A 200 -5.22 10.71 18.18
N PHE A 201 -4.19 10.40 17.39
CA PHE A 201 -4.15 9.10 16.70
C PHE A 201 -4.25 7.93 17.67
N ILE A 202 -3.77 8.09 18.91
CA ILE A 202 -3.84 6.99 19.88
C ILE A 202 -5.29 6.75 20.28
N SER A 203 -6.03 7.81 20.59
CA SER A 203 -7.44 7.65 20.94
C SER A 203 -8.23 7.06 19.78
N VAL A 204 -7.93 7.48 18.55
CA VAL A 204 -8.64 6.94 17.39
C VAL A 204 -8.26 5.48 17.16
N GLU A 205 -6.96 5.17 17.16
CA GLU A 205 -6.54 3.79 16.89
C GLU A 205 -7.12 2.83 17.92
N PHE A 206 -7.16 3.22 19.18
CA PHE A 206 -7.72 2.32 20.18
C PHE A 206 -9.24 2.29 20.15
N ALA A 207 -9.89 3.29 19.55
CA ALA A 207 -11.34 3.22 19.44
C ALA A 207 -11.77 2.12 18.47
N GLY A 208 -11.04 1.97 17.36
CA GLY A 208 -11.32 0.87 16.46
C GLY A 208 -11.03 -0.48 17.07
N ILE A 209 -9.94 -0.59 17.83
CA ILE A 209 -9.58 -1.86 18.45
C ILE A 209 -10.66 -2.29 19.43
N PHE A 210 -11.00 -1.43 20.38
CA PHE A 210 -12.08 -1.74 21.33
C PHE A 210 -13.38 -1.99 20.60
N ASN A 211 -13.62 -1.25 19.53
CA ASN A 211 -14.88 -1.39 18.81
C ASN A 211 -15.04 -2.78 18.21
N ALA A 212 -13.91 -3.43 17.86
CA ALA A 212 -13.99 -4.72 17.19
C ALA A 212 -14.08 -5.88 18.19
N TYR A 213 -13.38 -5.78 19.32
CA TYR A 213 -13.35 -6.85 20.30
C TYR A 213 -14.34 -6.67 21.44
N LYS A 214 -15.19 -5.64 21.41
CA LYS A 214 -16.14 -5.45 22.49
C LYS A 214 -17.12 -6.62 22.53
N PRO A 215 -17.48 -7.11 23.72
CA PRO A 215 -18.52 -8.14 23.82
C PRO A 215 -19.85 -7.62 23.31
N PRO A 216 -20.87 -8.48 23.22
CA PRO A 216 -22.16 -8.03 22.68
C PRO A 216 -22.80 -6.98 23.58
N GLY A 217 -23.38 -5.96 22.94
CA GLY A 217 -24.05 -4.91 23.65
C GLY A 217 -23.18 -3.74 24.05
N GLY A 218 -22.06 -3.53 23.36
CA GLY A 218 -21.09 -2.55 23.78
C GLY A 218 -21.08 -1.31 22.91
N LYS A 219 -20.55 -0.22 23.48
CA LYS A 219 -20.51 1.07 22.80
C LYS A 219 -19.19 1.74 23.11
N VAL A 220 -18.41 2.05 22.08
CA VAL A 220 -17.18 2.80 22.22
C VAL A 220 -17.49 4.27 21.94
N THR A 221 -17.35 5.11 22.96
CA THR A 221 -17.57 6.54 22.84
C THR A 221 -16.23 7.26 22.90
N LEU A 222 -15.92 8.00 21.85
CA LEU A 222 -14.73 8.85 21.82
C LEU A 222 -15.16 10.30 22.03
N CYS A 223 -14.56 10.96 23.00
CA CYS A 223 -14.86 12.37 23.26
C CYS A 223 -13.63 13.22 22.99
N TYR A 224 -13.88 14.47 22.61
CA TYR A 224 -12.83 15.44 22.31
C TYR A 224 -13.32 16.80 22.76
N ARG A 225 -12.41 17.61 23.32
CA ARG A 225 -12.84 18.87 23.91
C ARG A 225 -13.13 19.95 22.87
N ASN A 226 -12.69 19.76 21.62
CA ASN A 226 -12.87 20.75 20.58
C ASN A 226 -13.84 20.23 19.51
N ASN A 227 -13.87 20.92 18.37
CA ASN A 227 -14.90 20.64 17.36
C ASN A 227 -14.56 19.44 16.49
N LEU A 228 -13.31 19.33 16.04
CA LEU A 228 -12.93 18.37 15.02
C LEU A 228 -11.75 17.54 15.50
N ILE A 229 -11.86 16.21 15.37
CA ILE A 229 -10.82 15.32 15.88
C ILE A 229 -9.61 15.33 14.96
N LEU A 230 -8.52 14.70 15.41
CA LEU A 230 -7.30 14.55 14.63
C LEU A 230 -6.70 15.90 14.24
N ARG A 231 -6.74 16.86 15.16
CA ARG A 231 -6.07 18.14 14.98
C ARG A 231 -4.64 17.95 14.52
N GLY A 232 -4.26 18.68 13.47
CA GLY A 232 -2.94 18.59 12.88
C GLY A 232 -2.91 17.86 11.56
N PHE A 233 -3.87 16.97 11.32
CA PHE A 233 -3.99 16.28 10.04
C PHE A 233 -4.81 17.12 9.06
N ASP A 234 -4.74 16.76 7.78
CA ASP A 234 -5.50 17.46 6.77
C ASP A 234 -6.98 17.50 7.12
N GLU A 235 -7.64 18.61 6.76
CA GLU A 235 -9.00 18.89 7.20
C GLU A 235 -9.99 17.86 6.65
N THR A 236 -10.10 17.76 5.32
CA THR A 236 -11.10 16.88 4.74
C THR A 236 -10.89 15.44 5.21
N ILE A 237 -9.63 15.03 5.38
CA ILE A 237 -9.37 13.70 5.94
C ILE A 237 -9.96 13.60 7.34
N ARG A 238 -9.87 14.68 8.13
CA ARG A 238 -10.41 14.67 9.48
C ARG A 238 -11.92 14.46 9.48
N GLU A 239 -12.65 15.28 8.72
CA GLU A 239 -14.09 15.12 8.68
C GLU A 239 -14.47 13.75 8.12
N GLU A 240 -13.74 13.28 7.11
CA GLU A 240 -14.05 11.97 6.54
C GLU A 240 -13.84 10.87 7.56
N VAL A 241 -12.69 10.88 8.23
CA VAL A 241 -12.42 9.82 9.21
C VAL A 241 -13.47 9.84 10.31
N THR A 242 -13.84 11.04 10.79
CA THR A 242 -14.96 11.15 11.72
C THR A 242 -16.19 10.44 11.18
N LYS A 243 -16.55 10.72 9.94
CA LYS A 243 -17.74 10.10 9.35
C LYS A 243 -17.63 8.58 9.32
N GLN A 244 -16.45 8.06 8.96
CA GLN A 244 -16.32 6.61 8.84
C GLN A 244 -16.24 5.93 10.20
N LEU A 245 -15.68 6.59 11.20
CA LEU A 245 -15.73 6.04 12.55
C LEU A 245 -17.17 5.92 13.02
N THR A 246 -18.00 6.92 12.74
CA THR A 246 -19.42 6.82 13.06
C THR A 246 -20.05 5.63 12.36
N ALA A 247 -19.81 5.51 11.06
CA ALA A 247 -20.41 4.42 10.28
C ALA A 247 -20.10 3.07 10.93
N ASN A 248 -18.89 2.89 11.42
CA ASN A 248 -18.48 1.63 12.02
C ASN A 248 -18.97 1.48 13.46
N GLY A 249 -19.90 2.34 13.91
CA GLY A 249 -20.56 2.17 15.19
C GLY A 249 -19.98 2.97 16.34
N ILE A 250 -18.87 3.68 16.13
CA ILE A 250 -18.25 4.44 17.21
C ILE A 250 -18.97 5.77 17.36
N GLU A 251 -19.31 6.11 18.60
CA GLU A 251 -19.96 7.39 18.92
C GLU A 251 -18.89 8.45 19.13
N ILE A 252 -18.79 9.40 18.20
CA ILE A 252 -17.80 10.46 18.25
C ILE A 252 -18.45 11.69 18.87
N MET A 253 -18.06 12.01 20.09
CA MET A 253 -18.74 13.00 20.93
C MET A 253 -17.80 14.19 21.13
N THR A 254 -17.91 15.17 20.24
CA THR A 254 -17.00 16.31 20.22
C THR A 254 -17.47 17.42 21.14
N ASN A 255 -16.59 18.41 21.35
CA ASN A 255 -16.86 19.54 22.24
C ASN A 255 -17.27 19.07 23.63
N GLU A 256 -16.55 18.09 24.17
CA GLU A 256 -16.88 17.54 25.48
C GLU A 256 -15.60 17.16 26.23
N ASN A 257 -15.66 17.26 27.55
CA ASN A 257 -14.48 17.04 28.36
C ASN A 257 -14.90 16.47 29.71
N PRO A 258 -14.35 15.32 30.11
CA PRO A 258 -14.65 14.80 31.44
C PRO A 258 -14.26 15.80 32.52
N ALA A 259 -15.12 15.92 33.54
CA ALA A 259 -14.88 16.80 34.68
C ALA A 259 -14.69 16.06 35.99
N LYS A 260 -15.20 14.84 36.11
CA LYS A 260 -15.02 14.02 37.30
C LYS A 260 -15.48 12.61 36.97
N VAL A 261 -14.87 11.63 37.65
CA VAL A 261 -15.14 10.22 37.43
C VAL A 261 -15.29 9.52 38.77
N SER A 262 -16.36 8.75 38.93
CA SER A 262 -16.61 8.02 40.16
C SER A 262 -16.87 6.55 39.84
N LEU A 263 -16.81 5.72 40.89
CA LEU A 263 -17.08 4.30 40.77
C LEU A 263 -18.55 4.00 41.07
N ASN A 264 -19.08 2.98 40.41
CA ASN A 264 -20.43 2.49 40.68
C ASN A 264 -20.37 1.24 41.55
N THR A 265 -21.54 0.84 42.04
CA THR A 265 -21.64 -0.33 42.90
C THR A 265 -21.10 -1.59 42.25
N ASP A 266 -20.86 -1.58 40.94
CA ASP A 266 -20.37 -2.76 40.23
C ASP A 266 -18.97 -2.58 39.69
N GLY A 267 -18.27 -1.50 40.07
CA GLY A 267 -16.95 -1.24 39.57
C GLY A 267 -16.89 -0.46 38.28
N SER A 268 -18.00 -0.29 37.59
CA SER A 268 -18.01 0.55 36.40
C SER A 268 -17.78 2.01 36.78
N LYS A 269 -17.25 2.78 35.84
CA LYS A 269 -16.93 4.18 36.07
C LYS A 269 -18.10 5.06 35.68
N HIS A 270 -18.45 6.00 36.56
CA HIS A 270 -19.46 7.01 36.28
C HIS A 270 -18.77 8.33 35.95
N VAL A 271 -18.97 8.80 34.72
CA VAL A 271 -18.26 9.94 34.16
C VAL A 271 -19.23 11.11 34.02
N THR A 272 -18.92 12.22 34.67
CA THR A 272 -19.63 13.48 34.49
C THR A 272 -18.76 14.42 33.65
N PHE A 273 -19.38 15.08 32.68
CA PHE A 273 -18.67 15.99 31.80
C PHE A 273 -18.79 17.42 32.30
N GLU A 274 -18.04 18.32 31.64
CA GLU A 274 -18.14 19.74 31.93
C GLU A 274 -19.47 20.33 31.50
N SER A 275 -20.20 19.63 30.62
CA SER A 275 -21.51 20.08 30.14
C SER A 275 -22.67 19.43 30.89
N GLY A 276 -22.40 18.76 32.01
CA GLY A 276 -23.43 18.15 32.81
C GLY A 276 -23.83 16.75 32.39
N LYS A 277 -23.62 16.38 31.12
CA LYS A 277 -24.01 15.06 30.65
C LYS A 277 -23.18 13.97 31.31
N THR A 278 -23.81 12.84 31.61
CA THR A 278 -23.16 11.72 32.26
C THR A 278 -23.13 10.52 31.34
N LEU A 279 -22.12 9.67 31.53
CA LEU A 279 -21.99 8.45 30.75
C LEU A 279 -21.39 7.37 31.64
N ASP A 280 -21.97 6.17 31.56
CA ASP A 280 -21.47 5.00 32.29
C ASP A 280 -20.65 4.14 31.34
N VAL A 281 -19.40 3.86 31.73
CA VAL A 281 -18.53 3.01 30.93
C VAL A 281 -17.81 2.04 31.85
N ASP A 282 -17.25 1.00 31.25
CA ASP A 282 -16.44 0.03 31.98
C ASP A 282 -14.97 0.39 32.00
N VAL A 283 -14.52 1.22 31.06
CA VAL A 283 -13.15 1.67 30.98
C VAL A 283 -13.13 3.13 30.51
N VAL A 284 -12.24 3.93 31.10
CA VAL A 284 -12.01 5.31 30.67
C VAL A 284 -10.53 5.43 30.34
N MET A 285 -10.22 5.57 29.06
CA MET A 285 -8.83 5.67 28.61
C MET A 285 -8.50 7.10 28.23
N MET A 286 -7.51 7.68 28.90
CA MET A 286 -7.00 9.00 28.57
C MET A 286 -5.94 8.88 27.48
N ALA A 287 -6.14 9.64 26.39
CA ALA A 287 -5.16 9.78 25.34
C ALA A 287 -5.18 11.24 24.86
N ILE A 288 -4.97 12.15 25.81
CA ILE A 288 -5.08 13.58 25.55
C ILE A 288 -3.74 14.22 25.22
N GLY A 289 -2.69 13.44 25.12
CA GLY A 289 -1.37 13.96 24.80
C GLY A 289 -0.29 13.14 25.47
N ARG A 290 0.93 13.29 24.97
CA ARG A 290 2.11 12.65 25.53
C ARG A 290 3.11 13.74 25.91
N ILE A 291 3.51 13.76 27.18
CA ILE A 291 4.47 14.75 27.67
C ILE A 291 5.85 14.13 27.73
N PRO A 292 6.92 14.91 27.61
CA PRO A 292 8.27 14.34 27.72
C PRO A 292 8.56 13.89 29.15
N ARG A 293 9.27 12.77 29.26
CA ARG A 293 9.45 12.05 30.52
C ARG A 293 10.76 12.48 31.16
N THR A 294 10.70 13.56 31.96
CA THR A 294 11.90 14.17 32.52
C THR A 294 11.94 14.21 34.04
N ASN A 295 10.84 13.87 34.73
CA ASN A 295 10.77 14.08 36.17
C ASN A 295 11.78 13.21 36.92
N ASP A 296 11.89 11.93 36.56
CA ASP A 296 12.73 10.99 37.27
C ASP A 296 14.22 11.12 36.94
N LEU A 297 14.62 12.16 36.22
CA LEU A 297 16.00 12.30 35.77
C LEU A 297 16.84 13.21 36.64
N GLN A 298 16.23 14.04 37.48
CA GLN A 298 16.98 14.93 38.36
C GLN A 298 17.80 15.94 37.54
N LEU A 299 17.26 16.38 36.41
CA LEU A 299 17.98 17.26 35.52
C LEU A 299 18.39 18.57 36.19
N GLY A 300 17.87 18.87 37.38
CA GLY A 300 18.31 20.04 38.11
C GLY A 300 19.68 19.91 38.74
N ASN A 301 20.17 18.68 38.94
CA ASN A 301 21.49 18.48 39.51
C ASN A 301 22.61 18.96 38.60
N VAL A 302 22.35 19.09 37.30
CA VAL A 302 23.35 19.57 36.36
C VAL A 302 22.91 20.84 35.64
N GLY A 303 21.63 21.19 35.66
CA GLY A 303 21.17 22.40 35.02
C GLY A 303 20.80 22.26 33.56
N VAL A 304 20.35 21.08 33.12
CA VAL A 304 19.91 20.92 31.75
C VAL A 304 18.67 21.77 31.50
N LYS A 305 18.65 22.48 30.38
CA LYS A 305 17.59 23.42 30.07
C LYS A 305 16.40 22.72 29.40
N LEU A 306 15.20 23.20 29.71
CA LEU A 306 13.97 22.68 29.14
C LEU A 306 13.25 23.77 28.35
N THR A 307 12.57 23.36 27.27
CA THR A 307 11.82 24.28 26.43
C THR A 307 10.63 24.84 27.19
N PRO A 308 9.85 25.74 26.59
CA PRO A 308 8.57 26.14 27.22
C PRO A 308 7.71 24.94 27.58
N LYS A 309 7.46 24.05 26.62
CA LYS A 309 6.90 22.75 26.97
C LYS A 309 7.92 21.96 27.77
N GLY A 310 7.42 21.03 28.58
CA GLY A 310 8.28 20.30 29.49
C GLY A 310 9.40 19.50 28.85
N GLY A 311 9.66 19.74 27.56
CA GLY A 311 10.64 18.97 26.84
C GLY A 311 12.06 19.48 27.01
N VAL A 312 13.01 18.67 26.54
CA VAL A 312 14.43 18.99 26.63
C VAL A 312 14.83 19.79 25.40
N GLN A 313 15.52 20.91 25.62
CA GLN A 313 15.98 21.73 24.51
C GLN A 313 17.21 21.11 23.86
N VAL A 314 17.26 21.17 22.53
CA VAL A 314 18.39 20.67 21.76
C VAL A 314 18.49 21.51 20.48
N ASP A 315 19.57 21.29 19.73
CA ASP A 315 19.82 22.00 18.49
C ASP A 315 19.68 21.05 17.31
N GLU A 316 20.34 21.39 16.19
CA GLU A 316 20.29 20.55 15.01
C GLU A 316 21.16 19.30 15.15
N PHE A 317 21.80 19.09 16.31
CA PHE A 317 22.66 17.94 16.52
C PHE A 317 22.34 17.20 17.81
N SER A 318 21.25 17.56 18.50
CA SER A 318 20.80 16.86 19.71
C SER A 318 21.68 17.16 20.92
N ARG A 319 22.28 18.34 20.96
CA ARG A 319 23.14 18.72 22.06
C ARG A 319 22.42 19.67 23.00
N THR A 320 22.76 19.60 24.28
CA THR A 320 22.15 20.42 25.32
C THR A 320 23.13 21.48 25.77
N ASN A 321 22.70 22.28 26.75
CA ASN A 321 23.61 23.26 27.34
C ASN A 321 24.80 22.57 28.00
N VAL A 322 24.54 21.52 28.76
CA VAL A 322 25.67 20.78 29.36
C VAL A 322 26.51 20.16 28.25
N PRO A 323 27.83 20.38 28.23
CA PRO A 323 28.61 20.07 27.02
C PRO A 323 28.49 18.63 26.53
N ASN A 324 28.46 17.65 27.43
CA ASN A 324 28.48 16.25 27.03
C ASN A 324 27.16 15.53 27.30
N ILE A 325 26.05 16.25 27.23
CA ILE A 325 24.73 15.66 27.45
C ILE A 325 23.87 15.91 26.20
N TYR A 326 23.33 14.83 25.64
CA TYR A 326 22.50 14.89 24.44
C TYR A 326 21.15 14.24 24.72
N ALA A 327 20.17 14.58 23.88
CA ALA A 327 18.82 14.03 24.03
C ALA A 327 18.22 13.77 22.66
N ILE A 328 17.51 12.65 22.53
CA ILE A 328 16.85 12.25 21.30
C ILE A 328 15.50 11.65 21.66
N GLY A 329 14.77 11.21 20.64
CA GLY A 329 13.50 10.55 20.89
C GLY A 329 12.42 11.52 21.32
N ASP A 330 11.42 10.97 22.00
CA ASP A 330 10.27 11.76 22.41
C ASP A 330 10.58 12.75 23.52
N ILE A 331 11.76 12.63 24.16
CA ILE A 331 12.10 13.55 25.24
C ILE A 331 12.33 14.96 24.73
N THR A 332 12.57 15.12 23.42
CA THR A 332 12.77 16.43 22.82
C THR A 332 11.46 17.16 22.52
N ASP A 333 10.32 16.48 22.58
CA ASP A 333 9.01 17.06 22.36
C ASP A 333 8.78 17.47 20.91
N ARG A 334 9.53 16.90 19.98
CA ARG A 334 9.41 17.22 18.57
C ARG A 334 8.50 16.22 17.87
N LEU A 335 9.01 15.56 16.82
CA LEU A 335 8.21 14.58 16.08
C LEU A 335 8.27 13.24 16.80
N MET A 336 7.28 13.00 17.64
CA MET A 336 7.24 11.76 18.43
C MET A 336 7.00 10.55 17.54
N LEU A 337 8.02 10.14 16.78
CA LEU A 337 7.96 8.96 15.92
C LEU A 337 9.16 8.08 16.19
N THR A 338 8.98 6.78 15.93
CA THR A 338 10.07 5.83 16.17
C THR A 338 11.19 5.99 15.16
N PRO A 339 10.94 5.94 13.85
CA PRO A 339 12.04 6.11 12.89
C PRO A 339 12.77 7.44 13.02
N VAL A 340 12.11 8.47 13.56
CA VAL A 340 12.80 9.75 13.76
C VAL A 340 13.74 9.67 14.96
N ALA A 341 13.41 8.86 15.96
CA ALA A 341 14.34 8.63 17.06
C ALA A 341 15.48 7.70 16.65
N ILE A 342 15.20 6.74 15.78
CA ILE A 342 16.27 5.88 15.26
C ILE A 342 17.20 6.68 14.37
N ASN A 343 16.66 7.65 13.62
CA ASN A 343 17.50 8.50 12.77
C ASN A 343 18.33 9.47 13.60
N GLU A 344 17.70 10.09 14.61
CA GLU A 344 18.44 11.00 15.48
C GLU A 344 19.54 10.28 16.23
N GLY A 345 19.26 9.07 16.70
CA GLY A 345 20.27 8.31 17.44
C GLY A 345 21.44 7.91 16.56
N ALA A 346 21.16 7.30 15.41
CA ALA A 346 22.22 6.93 14.47
C ALA A 346 23.04 8.13 14.04
N ALA A 347 22.40 9.31 13.94
CA ALA A 347 23.10 10.51 13.50
C ALA A 347 23.95 11.10 14.62
N LEU A 348 23.47 11.03 15.86
CA LEU A 348 24.24 11.56 16.98
C LEU A 348 25.59 10.87 17.11
N VAL A 349 25.64 9.57 16.81
CA VAL A 349 26.85 8.79 17.03
C VAL A 349 27.91 9.16 16.00
N ASP A 350 27.65 8.89 14.73
CA ASP A 350 28.69 9.16 13.72
C ASP A 350 28.89 10.65 13.46
N THR A 351 28.34 11.55 14.28
CA THR A 351 28.81 12.91 14.36
C THR A 351 29.79 13.13 15.51
N VAL A 352 29.75 12.27 16.53
CA VAL A 352 30.61 12.36 17.70
C VAL A 352 31.74 11.34 17.65
N PHE A 353 31.39 10.05 17.50
CA PHE A 353 32.37 8.98 17.47
C PHE A 353 32.83 8.64 16.06
N GLY A 354 32.53 9.48 15.07
CA GLY A 354 32.89 9.20 13.69
C GLY A 354 33.29 10.43 12.90
N ASN A 355 33.28 11.60 13.56
CA ASN A 355 33.63 12.88 12.97
C ASN A 355 33.14 13.04 11.53
N LYS A 356 31.99 12.43 11.21
CA LYS A 356 31.28 12.66 9.96
C LYS A 356 29.92 13.26 10.31
N PRO A 357 29.89 14.53 10.70
CA PRO A 357 28.64 15.12 11.23
C PRO A 357 27.53 15.12 10.19
N ARG A 358 26.45 14.41 10.51
CA ARG A 358 25.26 14.39 9.68
C ARG A 358 24.04 14.44 10.58
N LYS A 359 23.21 15.46 10.42
CA LYS A 359 22.00 15.60 11.19
C LYS A 359 20.81 14.99 10.45
N THR A 360 19.71 14.80 11.19
CA THR A 360 18.50 14.21 10.64
C THR A 360 17.52 15.32 10.24
N ASP A 361 16.89 15.15 9.09
CA ASP A 361 15.91 16.12 8.61
C ASP A 361 14.57 15.82 9.25
N HIS A 362 13.95 16.85 9.83
CA HIS A 362 12.66 16.72 10.50
C HIS A 362 11.49 17.10 9.61
N THR A 363 11.74 17.55 8.39
CA THR A 363 10.68 17.96 7.47
C THR A 363 10.41 16.87 6.44
N ARG A 364 9.20 16.90 5.89
CA ARG A 364 8.80 15.96 4.85
C ARG A 364 9.02 14.52 5.30
N VAL A 365 8.40 14.18 6.42
CA VAL A 365 8.53 12.88 7.05
C VAL A 365 7.22 12.12 6.89
N ALA A 366 7.31 10.86 6.50
CA ALA A 366 6.12 10.03 6.32
C ALA A 366 5.69 9.44 7.65
N SER A 367 4.37 9.42 7.88
CA SER A 367 3.81 8.81 9.08
C SER A 367 2.44 8.24 8.73
N ALA A 368 1.95 7.35 9.59
CA ALA A 368 0.66 6.71 9.37
C ALA A 368 -0.20 6.84 10.61
N VAL A 369 -1.44 6.36 10.50
CA VAL A 369 -2.40 6.39 11.59
C VAL A 369 -3.28 5.15 11.44
N PHE A 370 -2.78 4.00 11.88
CA PHE A 370 -3.48 2.74 11.63
C PHE A 370 -4.84 2.72 12.32
N SER A 371 -5.68 3.68 11.95
CA SER A 371 -7.09 3.65 12.29
C SER A 371 -7.80 2.74 11.29
N ILE A 372 -9.13 2.72 11.36
CA ILE A 372 -9.97 1.99 10.42
C ILE A 372 -11.04 2.95 9.96
N PRO A 373 -10.86 3.61 8.79
CA PRO A 373 -9.78 3.39 7.83
C PRO A 373 -8.47 4.08 8.17
N PRO A 374 -7.35 3.54 7.68
CA PRO A 374 -6.03 4.10 8.01
C PRO A 374 -5.74 5.40 7.26
N ILE A 375 -4.75 6.13 7.78
CA ILE A 375 -4.36 7.43 7.26
C ILE A 375 -2.89 7.39 6.87
N GLY A 376 -2.55 8.11 5.82
CA GLY A 376 -1.18 8.28 5.40
C GLY A 376 -0.93 9.73 5.06
N THR A 377 0.21 10.24 5.52
CA THR A 377 0.50 11.65 5.34
C THR A 377 1.99 11.86 5.17
N CYS A 378 2.34 12.96 4.55
CA CYS A 378 3.73 13.36 4.37
C CYS A 378 3.77 14.82 3.90
N GLY A 379 4.56 15.64 4.57
CA GLY A 379 4.66 17.04 4.20
C GLY A 379 3.64 17.90 4.91
N LEU A 380 3.41 19.07 4.33
CA LEU A 380 2.55 20.07 4.94
C LEU A 380 1.09 19.84 4.56
N ILE A 381 0.19 20.40 5.36
CA ILE A 381 -1.22 20.48 5.01
C ILE A 381 -1.49 21.84 4.41
N GLU A 382 -2.64 21.97 3.73
CA GLU A 382 -2.88 23.14 2.90
C GLU A 382 -2.91 24.43 3.73
N GLU A 383 -3.56 24.40 4.90
CA GLU A 383 -3.67 25.63 5.68
C GLU A 383 -2.35 26.05 6.31
N VAL A 384 -1.38 25.15 6.43
CA VAL A 384 -0.06 25.53 6.90
C VAL A 384 0.78 26.07 5.75
N ALA A 385 0.70 25.44 4.58
CA ALA A 385 1.39 25.96 3.40
C ALA A 385 0.97 27.40 3.12
N ALA A 386 -0.31 27.70 3.34
CA ALA A 386 -0.82 29.04 3.07
C ALA A 386 -0.01 30.10 3.81
N LYS A 387 0.20 29.89 5.12
CA LYS A 387 0.85 30.90 5.95
C LYS A 387 2.33 31.07 5.64
N GLU A 388 2.91 30.32 4.68
CA GLU A 388 4.32 30.49 4.37
C GLU A 388 4.62 30.19 2.90
N PHE A 389 3.65 30.39 2.01
CA PHE A 389 3.87 30.17 0.59
C PHE A 389 2.95 31.06 -0.23
N GLU A 390 3.52 31.73 -1.22
CA GLU A 390 2.80 32.68 -2.07
C GLU A 390 1.51 32.06 -2.63
N LYS A 391 1.64 31.20 -3.63
CA LYS A 391 0.50 30.57 -4.28
C LYS A 391 0.50 29.07 -3.98
N VAL A 392 -0.61 28.58 -3.43
CA VAL A 392 -0.74 27.19 -3.01
C VAL A 392 -1.81 26.51 -3.85
N ALA A 393 -1.48 25.35 -4.39
CA ALA A 393 -2.41 24.53 -5.17
C ALA A 393 -2.79 23.29 -4.39
N VAL A 394 -4.05 22.90 -4.47
CA VAL A 394 -4.56 21.72 -3.77
C VAL A 394 -5.25 20.81 -4.78
N TYR A 395 -4.78 19.58 -4.88
CA TYR A 395 -5.39 18.56 -5.72
C TYR A 395 -6.17 17.59 -4.85
N MET A 396 -7.45 17.42 -5.15
CA MET A 396 -8.33 16.57 -4.36
C MET A 396 -8.97 15.49 -5.24
N SER A 397 -9.44 14.44 -4.58
CA SER A 397 -9.98 13.28 -5.27
C SER A 397 -10.48 12.26 -4.24
N SER A 398 -11.79 12.01 -4.22
CA SER A 398 -12.42 11.21 -3.16
C SER A 398 -13.38 10.19 -3.78
N PHE A 399 -12.83 9.13 -4.37
CA PHE A 399 -13.63 8.05 -4.92
C PHE A 399 -13.88 6.96 -3.89
N THR A 400 -15.09 6.42 -3.86
CA THR A 400 -15.36 5.22 -3.07
C THR A 400 -14.68 4.03 -3.73
N PRO A 401 -13.78 3.33 -3.04
CA PRO A 401 -12.91 2.36 -3.73
C PRO A 401 -13.71 1.32 -4.49
N LEU A 402 -12.99 0.63 -5.38
CA LEU A 402 -13.57 -0.32 -6.30
C LEU A 402 -14.46 -1.33 -5.58
N MET A 403 -13.88 -2.05 -4.61
CA MET A 403 -14.48 -3.25 -4.03
C MET A 403 -15.64 -2.96 -3.07
N HIS A 404 -15.86 -1.72 -2.65
CA HIS A 404 -16.83 -1.49 -1.59
C HIS A 404 -18.25 -1.27 -2.11
N ASN A 405 -18.47 -1.28 -3.43
CA ASN A 405 -19.83 -1.42 -3.93
C ASN A 405 -20.36 -2.82 -3.67
N ILE A 406 -19.49 -3.84 -3.76
CA ILE A 406 -19.87 -5.20 -3.40
C ILE A 406 -19.80 -5.41 -1.89
N SER A 407 -18.69 -4.99 -1.27
CA SER A 407 -18.40 -5.34 0.12
C SER A 407 -19.58 -5.09 1.04
N GLY A 408 -20.36 -4.06 0.79
CA GLY A 408 -21.35 -3.60 1.72
C GLY A 408 -20.91 -2.47 2.61
N SER A 409 -19.77 -1.83 2.30
CA SER A 409 -19.26 -0.74 3.11
C SER A 409 -19.12 0.52 2.27
N LYS A 410 -20.24 1.00 1.70
CA LYS A 410 -20.17 2.12 0.77
C LYS A 410 -19.57 3.36 1.41
N TYR A 411 -19.56 3.44 2.75
CA TYR A 411 -19.06 4.63 3.44
C TYR A 411 -17.55 4.77 3.36
N LYS A 412 -16.83 3.71 3.00
CA LYS A 412 -15.37 3.71 3.05
C LYS A 412 -14.81 4.50 1.86
N LYS A 413 -15.07 5.80 1.87
CA LYS A 413 -14.62 6.66 0.78
C LYS A 413 -13.12 6.93 0.91
N PHE A 414 -12.36 6.56 -0.12
CA PHE A 414 -10.92 6.80 -0.15
C PHE A 414 -10.64 8.21 -0.62
N VAL A 415 -9.80 8.93 0.12
CA VAL A 415 -9.47 10.32 -0.15
C VAL A 415 -7.98 10.45 -0.44
N ALA A 416 -7.64 11.41 -1.29
CA ALA A 416 -6.23 11.67 -1.63
C ALA A 416 -6.07 13.14 -1.98
N LYS A 417 -5.24 13.85 -1.22
CA LYS A 417 -4.95 15.26 -1.42
C LYS A 417 -3.47 15.46 -1.69
N ILE A 418 -3.16 16.31 -2.68
CA ILE A 418 -1.79 16.74 -2.93
C ILE A 418 -1.76 18.25 -2.76
N VAL A 419 -0.64 18.75 -2.26
CA VAL A 419 -0.46 20.16 -1.97
C VAL A 419 0.87 20.59 -2.58
N THR A 420 0.83 21.64 -3.40
CA THR A 420 2.01 22.11 -4.11
C THR A 420 2.18 23.61 -3.92
N ASN A 421 3.40 24.07 -4.15
CA ASN A 421 3.67 25.48 -4.35
C ASN A 421 3.42 25.79 -5.82
N HIS A 422 2.35 26.53 -6.10
CA HIS A 422 1.91 26.71 -7.48
C HIS A 422 2.95 27.41 -8.34
N SER A 423 3.95 28.06 -7.73
CA SER A 423 5.02 28.68 -8.50
C SER A 423 5.75 27.64 -9.36
N ASP A 424 6.39 26.68 -8.72
CA ASP A 424 7.15 25.65 -9.43
C ASP A 424 6.47 24.29 -9.40
N GLY A 425 5.24 24.21 -8.88
CA GLY A 425 4.56 22.93 -8.81
C GLY A 425 5.17 21.93 -7.87
N THR A 426 6.10 22.34 -7.01
CA THR A 426 6.73 21.41 -6.09
C THR A 426 5.73 20.89 -5.07
N VAL A 427 5.72 19.58 -4.88
CA VAL A 427 4.78 18.97 -3.94
C VAL A 427 5.24 19.26 -2.51
N LEU A 428 4.36 19.88 -1.72
CA LEU A 428 4.62 20.21 -0.33
C LEU A 428 3.94 19.24 0.63
N GLY A 429 3.00 18.44 0.16
CA GLY A 429 2.29 17.52 1.03
C GLY A 429 1.52 16.51 0.21
N VAL A 430 1.24 15.38 0.86
CA VAL A 430 0.43 14.31 0.27
C VAL A 430 -0.33 13.65 1.41
N HIS A 431 -1.65 13.56 1.28
CA HIS A 431 -2.51 13.12 2.38
C HIS A 431 -3.52 12.11 1.88
N LEU A 432 -3.47 10.90 2.43
CA LEU A 432 -4.29 9.78 2.00
C LEU A 432 -5.18 9.31 3.13
N LEU A 433 -6.37 8.85 2.78
CA LEU A 433 -7.27 8.17 3.70
C LEU A 433 -7.84 6.97 2.98
N GLY A 434 -7.77 5.81 3.62
CA GLY A 434 -8.24 4.58 3.00
C GLY A 434 -7.22 3.48 3.04
N ASP A 435 -7.66 2.23 2.89
CA ASP A 435 -6.76 1.10 3.03
C ASP A 435 -5.64 1.16 2.00
N GLY A 436 -4.41 1.01 2.46
CA GLY A 436 -3.22 1.20 1.67
C GLY A 436 -2.45 2.47 1.98
N ALA A 437 -3.11 3.46 2.58
CA ALA A 437 -2.46 4.75 2.83
C ALA A 437 -1.11 4.61 3.52
N PRO A 438 -0.94 3.80 4.56
CA PRO A 438 0.39 3.68 5.19
C PRO A 438 1.45 3.13 4.26
N GLU A 439 1.14 2.06 3.53
CA GLU A 439 2.13 1.48 2.63
C GLU A 439 2.39 2.36 1.41
N ILE A 440 1.37 3.09 0.95
CA ILE A 440 1.54 3.96 -0.21
C ILE A 440 2.43 5.15 0.15
N ILE A 441 2.17 5.79 1.29
CA ILE A 441 2.85 7.02 1.63
C ILE A 441 4.36 6.83 1.73
N GLN A 442 4.81 5.62 2.12
CA GLN A 442 6.23 5.39 2.33
C GLN A 442 7.05 5.79 1.12
N ALA A 443 6.73 5.20 -0.04
CA ALA A 443 7.46 5.55 -1.25
C ALA A 443 7.25 7.01 -1.64
N VAL A 444 6.18 7.64 -1.17
CA VAL A 444 5.99 9.06 -1.45
C VAL A 444 7.03 9.88 -0.70
N GLY A 445 7.38 9.45 0.52
CA GLY A 445 8.40 10.17 1.27
C GLY A 445 9.69 10.30 0.51
N VAL A 446 10.04 9.31 -0.31
CA VAL A 446 11.24 9.39 -1.13
C VAL A 446 11.09 10.48 -2.17
N CYS A 447 9.89 10.63 -2.74
CA CYS A 447 9.67 11.64 -3.78
C CYS A 447 9.90 13.04 -3.24
N LEU A 448 9.34 13.35 -2.06
CA LEU A 448 9.53 14.68 -1.49
C LEU A 448 10.99 14.93 -1.19
N ARG A 449 11.72 13.91 -0.75
CA ARG A 449 13.16 14.03 -0.59
C ARG A 449 13.87 14.32 -1.91
N LEU A 450 13.18 14.14 -3.04
CA LEU A 450 13.72 14.42 -4.36
C LEU A 450 13.05 15.61 -5.04
N ASN A 451 12.33 16.44 -4.27
CA ASN A 451 11.78 17.70 -4.76
C ASN A 451 10.83 17.48 -5.93
N ALA A 452 10.06 16.40 -5.88
CA ALA A 452 9.16 16.07 -6.97
C ALA A 452 8.10 17.14 -7.16
N LYS A 453 8.03 17.68 -8.38
CA LYS A 453 6.94 18.54 -8.76
C LYS A 453 5.71 17.70 -9.12
N ILE A 454 4.54 18.34 -9.12
CA ILE A 454 3.31 17.60 -9.41
C ILE A 454 3.36 16.97 -10.79
N SER A 455 4.01 17.64 -11.75
CA SER A 455 4.14 17.05 -13.08
C SER A 455 4.77 15.66 -12.99
N ASP A 456 5.74 15.48 -12.09
CA ASP A 456 6.35 14.17 -11.91
C ASP A 456 5.34 13.11 -11.52
N PHE A 457 4.18 13.51 -10.97
CA PHE A 457 3.20 12.53 -10.51
C PHE A 457 2.24 12.11 -11.61
N TYR A 458 1.52 13.06 -12.20
CA TYR A 458 0.53 12.67 -13.20
C TYR A 458 1.15 12.27 -14.54
N ASN A 459 2.44 12.53 -14.75
CA ASN A 459 3.15 12.02 -15.92
C ASN A 459 3.72 10.63 -15.69
N THR A 460 3.41 10.00 -14.56
CA THR A 460 3.86 8.65 -14.26
C THR A 460 2.74 7.68 -14.60
N ILE A 461 3.08 6.58 -15.27
CA ILE A 461 2.06 5.62 -15.68
C ILE A 461 1.58 4.83 -14.47
N GLY A 462 0.26 4.71 -14.33
CA GLY A 462 -0.30 4.11 -13.15
C GLY A 462 -0.19 2.60 -13.13
N VAL A 463 -0.39 2.05 -11.93
CA VAL A 463 -0.50 0.62 -11.71
C VAL A 463 -1.98 0.35 -11.48
N HIS A 464 -2.65 -0.21 -12.48
CA HIS A 464 -4.08 -0.39 -12.47
C HIS A 464 -4.43 -1.86 -12.29
N PRO A 465 -5.42 -2.19 -11.44
CA PRO A 465 -6.19 -1.23 -10.65
C PRO A 465 -5.69 -1.10 -9.21
N THR A 466 -5.40 0.12 -8.77
CA THR A 466 -4.99 0.37 -7.40
C THR A 466 -5.63 1.66 -6.91
N SER A 467 -5.63 1.84 -5.59
CA SER A 467 -5.98 3.14 -5.04
C SER A 467 -4.85 4.14 -5.29
N ALA A 468 -3.60 3.69 -5.15
CA ALA A 468 -2.46 4.57 -5.27
C ALA A 468 -2.36 5.24 -6.63
N GLU A 469 -2.96 4.65 -7.67
CA GLU A 469 -2.92 5.30 -8.98
C GLU A 469 -3.63 6.64 -8.97
N GLU A 470 -4.55 6.87 -8.03
CA GLU A 470 -5.24 8.15 -7.99
C GLU A 470 -4.27 9.31 -7.79
N LEU A 471 -3.06 9.05 -7.28
CA LEU A 471 -2.05 10.09 -7.16
C LEU A 471 -1.49 10.51 -8.52
N CYS A 472 -1.56 9.64 -9.52
CA CYS A 472 -1.11 9.97 -10.86
C CYS A 472 -2.24 10.46 -11.76
N SER A 473 -3.47 10.51 -11.26
CA SER A 473 -4.65 10.82 -12.05
C SER A 473 -5.17 12.23 -11.81
N MET A 474 -4.48 13.03 -11.00
CA MET A 474 -4.91 14.39 -10.69
C MET A 474 -4.04 15.37 -11.46
N ARG A 475 -4.64 16.05 -12.44
CA ARG A 475 -3.90 16.94 -13.33
C ARG A 475 -4.32 18.40 -13.21
N THR A 476 -5.36 18.72 -12.46
CA THR A 476 -5.84 20.10 -12.35
C THR A 476 -6.26 20.40 -10.92
N PRO A 477 -5.90 21.56 -10.40
CA PRO A 477 -6.26 21.90 -9.02
C PRO A 477 -7.76 22.02 -8.82
N SER A 478 -8.19 21.70 -7.60
CA SER A 478 -9.58 21.87 -7.19
C SER A 478 -9.83 23.22 -6.54
N TYR A 479 -8.81 23.79 -5.91
CA TYR A 479 -8.87 25.17 -5.40
C TYR A 479 -7.45 25.61 -5.09
N TYR A 480 -7.31 26.87 -4.70
CA TYR A 480 -6.00 27.46 -4.48
C TYR A 480 -5.94 28.12 -3.11
N TYR A 481 -4.72 28.52 -2.74
CA TYR A 481 -4.46 29.30 -1.53
C TYR A 481 -3.44 30.35 -1.93
N VAL A 482 -3.93 31.53 -2.31
CA VAL A 482 -3.07 32.65 -2.71
C VAL A 482 -3.25 33.76 -1.69
N LYS A 483 -2.14 34.21 -1.10
CA LYS A 483 -2.11 35.19 -0.02
C LYS A 483 -2.66 34.64 1.29
N GLY A 484 -2.84 33.32 1.38
CA GLY A 484 -3.46 32.71 2.53
C GLY A 484 -4.96 32.58 2.46
N GLU A 485 -5.58 32.97 1.34
CA GLU A 485 -7.03 32.96 1.21
C GLU A 485 -7.45 31.84 0.26
N LYS A 486 -8.67 31.34 0.45
CA LYS A 486 -9.16 30.16 -0.24
C LYS A 486 -10.33 30.54 -1.14
N MET A 487 -10.07 30.63 -2.44
CA MET A 487 -11.12 30.71 -3.44
C MET A 487 -10.87 29.66 -4.51
N GLU A 488 -11.94 29.18 -5.11
CA GLU A 488 -11.84 28.17 -6.17
C GLU A 488 -10.95 28.65 -7.31
N LYS A 489 -11.46 29.55 -8.13
CA LYS A 489 -10.67 30.03 -9.24
C LYS A 489 -9.45 30.77 -8.74
N LEU A 490 -8.53 31.05 -9.65
CA LEU A 490 -7.30 31.73 -9.31
C LEU A 490 -7.22 33.02 -10.11
N PRO A 491 -7.84 34.10 -9.60
CA PRO A 491 -7.94 35.42 -10.21
C PRO A 491 -6.75 35.86 -11.03
N ASP A 492 -7.09 36.27 -12.26
CA ASP A 492 -6.20 36.73 -13.31
C ASP A 492 -4.96 37.51 -12.91
N SER A 493 -3.81 36.86 -13.11
CA SER A 493 -2.46 37.33 -12.82
C SER A 493 -2.26 38.57 -11.95
N ASN A 494 -1.91 39.67 -12.62
CA ASN A 494 -1.62 40.98 -12.01
C ASN A 494 -0.48 40.89 -11.00
N LEU A 495 0.66 40.42 -11.48
CA LEU A 495 1.91 40.27 -10.71
C LEU A 495 1.74 39.81 -9.26
N MET B 4 -21.18 17.00 -45.38
CA MET B 4 -21.55 17.74 -44.19
C MET B 4 -21.58 16.83 -42.97
N SER B 5 -22.58 15.96 -42.92
CA SER B 5 -22.71 15.05 -41.79
C SER B 5 -21.78 13.87 -41.94
N LYS B 6 -21.66 13.12 -40.85
CA LYS B 6 -20.78 11.95 -40.79
C LYS B 6 -19.39 12.23 -41.35
N ALA B 7 -18.78 13.31 -40.84
CA ALA B 7 -17.43 13.76 -41.18
C ALA B 7 -16.78 14.20 -39.89
N PHE B 8 -15.99 13.34 -39.27
CA PHE B 8 -15.39 13.67 -37.99
C PHE B 8 -13.93 13.97 -37.98
N ASP B 9 -13.45 14.41 -36.84
CA ASP B 9 -12.06 14.72 -36.66
C ASP B 9 -11.34 13.44 -36.35
N LEU B 10 -12.00 12.56 -35.63
CA LEU B 10 -11.40 11.32 -35.27
C LEU B 10 -12.41 10.24 -35.13
N VAL B 11 -12.09 9.09 -35.70
CA VAL B 11 -12.94 7.91 -35.59
C VAL B 11 -12.13 6.84 -34.87
N VAL B 12 -12.64 6.36 -33.75
CA VAL B 12 -11.96 5.37 -32.92
C VAL B 12 -12.66 4.04 -33.10
N ILE B 13 -11.92 3.04 -33.56
CA ILE B 13 -12.39 1.66 -33.57
C ILE B 13 -11.97 1.03 -32.25
N GLY B 14 -12.93 0.74 -31.40
CA GLY B 14 -12.65 0.17 -30.10
C GLY B 14 -12.82 1.17 -28.97
N ALA B 15 -13.94 1.07 -28.26
CA ALA B 15 -14.21 1.93 -27.12
C ALA B 15 -13.55 1.44 -25.84
N GLY B 16 -12.32 0.96 -25.94
CA GLY B 16 -11.61 0.39 -24.81
C GLY B 16 -10.83 1.43 -24.03
N SER B 17 -9.85 0.95 -23.28
CA SER B 17 -9.02 1.83 -22.47
C SER B 17 -8.41 2.95 -23.31
N GLY B 18 -7.54 2.59 -24.25
CA GLY B 18 -6.87 3.60 -25.05
C GLY B 18 -7.84 4.39 -25.92
N GLY B 19 -8.81 3.71 -26.52
CA GLY B 19 -9.75 4.41 -27.39
C GLY B 19 -10.50 5.49 -26.65
N LEU B 20 -11.15 5.13 -25.53
CA LEU B 20 -11.99 6.09 -24.82
C LEU B 20 -11.19 7.31 -24.39
N GLU B 21 -10.02 7.09 -23.79
CA GLU B 21 -9.16 8.21 -23.42
C GLU B 21 -8.92 9.11 -24.61
N ALA B 22 -8.60 8.52 -25.75
CA ALA B 22 -8.33 9.30 -26.96
C ALA B 22 -9.54 10.18 -27.31
N GLY B 23 -10.72 9.58 -27.41
CA GLY B 23 -11.88 10.33 -27.85
C GLY B 23 -12.30 11.41 -26.86
N TRP B 24 -12.51 11.02 -25.61
CA TRP B 24 -12.86 11.97 -24.56
C TRP B 24 -11.93 13.18 -24.57
N ASN B 25 -10.62 12.94 -24.52
CA ASN B 25 -9.67 14.06 -24.53
C ASN B 25 -9.84 14.89 -25.80
N ALA B 26 -9.96 14.23 -26.94
CA ALA B 26 -10.09 14.96 -28.20
C ALA B 26 -11.33 15.85 -28.19
N ALA B 27 -12.41 15.37 -27.55
CA ALA B 27 -13.68 16.10 -27.59
C ALA B 27 -13.82 17.10 -26.47
N THR B 28 -13.42 16.74 -25.25
CA THR B 28 -13.58 17.63 -24.11
C THR B 28 -12.42 18.60 -23.94
N LEU B 29 -11.24 18.25 -24.45
CA LEU B 29 -10.07 19.11 -24.30
C LEU B 29 -9.77 19.94 -25.54
N TYR B 30 -10.28 19.54 -26.70
CA TYR B 30 -9.98 20.27 -27.92
C TYR B 30 -11.21 20.44 -28.80
N GLY B 31 -12.40 20.14 -28.30
CA GLY B 31 -13.63 20.46 -29.02
C GLY B 31 -13.68 19.90 -30.42
N LYS B 32 -13.28 18.64 -30.59
CA LYS B 32 -13.27 17.98 -31.88
C LYS B 32 -14.46 17.02 -31.97
N ARG B 33 -14.92 16.80 -33.19
CA ARG B 33 -16.04 15.89 -33.44
C ARG B 33 -15.42 14.50 -33.43
N VAL B 34 -15.85 13.67 -32.50
CA VAL B 34 -15.26 12.36 -32.27
C VAL B 34 -16.33 11.29 -32.40
N ALA B 35 -15.95 10.14 -32.95
CA ALA B 35 -16.84 8.99 -33.05
C ALA B 35 -16.09 7.75 -32.58
N VAL B 36 -16.74 6.95 -31.74
CA VAL B 36 -16.16 5.72 -31.21
C VAL B 36 -17.07 4.55 -31.58
N VAL B 37 -16.47 3.49 -32.11
CA VAL B 37 -17.20 2.29 -32.52
C VAL B 37 -16.79 1.13 -31.63
N ASP B 38 -17.78 0.37 -31.16
CA ASP B 38 -17.52 -0.86 -30.42
C ASP B 38 -18.72 -1.80 -30.60
N VAL B 39 -18.50 -3.08 -30.29
CA VAL B 39 -19.48 -4.11 -30.65
C VAL B 39 -20.56 -4.33 -29.59
N GLN B 40 -20.41 -3.79 -28.39
CA GLN B 40 -21.43 -3.94 -27.36
C GLN B 40 -21.39 -2.73 -26.43
N THR B 41 -22.52 -2.44 -25.79
CA THR B 41 -22.56 -1.41 -24.78
C THR B 41 -22.41 -1.95 -23.36
N SER B 42 -22.43 -3.27 -23.20
CA SER B 42 -22.40 -3.89 -21.89
C SER B 42 -21.61 -5.19 -21.96
N HIS B 43 -21.00 -5.57 -20.85
CA HIS B 43 -20.16 -6.76 -20.81
C HIS B 43 -20.95 -8.02 -21.13
N GLY B 44 -20.22 -9.07 -21.49
CA GLY B 44 -20.80 -10.40 -21.56
C GLY B 44 -20.74 -11.02 -22.94
N PRO B 45 -21.23 -12.26 -23.05
CA PRO B 45 -21.32 -12.90 -24.36
C PRO B 45 -22.34 -12.21 -25.24
N PRO B 46 -22.26 -12.38 -26.57
CA PRO B 46 -21.30 -13.26 -27.24
C PRO B 46 -19.92 -12.64 -27.49
N PHE B 47 -19.78 -11.35 -27.25
CA PHE B 47 -18.54 -10.65 -27.58
C PHE B 47 -17.67 -10.32 -26.38
N TYR B 48 -18.20 -10.43 -25.15
CA TYR B 48 -17.39 -10.28 -23.94
C TYR B 48 -16.92 -8.85 -23.76
N ALA B 49 -15.78 -8.50 -24.34
CA ALA B 49 -15.36 -7.11 -24.39
C ALA B 49 -16.50 -6.25 -24.92
N ALA B 50 -16.49 -4.97 -24.54
CA ALA B 50 -17.62 -4.10 -24.82
C ALA B 50 -17.18 -2.66 -24.59
N LEU B 51 -18.14 -1.74 -24.61
CA LEU B 51 -17.86 -0.37 -24.20
C LEU B 51 -17.10 -0.39 -22.89
N GLY B 52 -15.98 0.34 -22.84
CA GLY B 52 -15.08 0.34 -21.70
C GLY B 52 -13.79 -0.42 -21.95
N GLY B 53 -13.82 -1.40 -22.85
CA GLY B 53 -12.62 -2.15 -23.21
C GLY B 53 -12.57 -3.51 -22.53
N THR B 54 -11.46 -4.21 -22.78
CA THR B 54 -11.26 -5.50 -22.12
C THR B 54 -11.08 -5.33 -20.62
N CYS B 55 -10.38 -4.27 -20.21
CA CYS B 55 -10.10 -4.06 -18.80
C CYS B 55 -11.38 -3.97 -17.98
N VAL B 56 -12.37 -3.22 -18.46
CA VAL B 56 -13.57 -2.99 -17.65
C VAL B 56 -14.44 -4.23 -17.62
N ASN B 57 -14.60 -4.91 -18.74
CA ASN B 57 -15.59 -5.98 -18.87
C ASN B 57 -15.04 -7.38 -18.60
N VAL B 58 -13.83 -7.69 -19.07
CA VAL B 58 -13.29 -9.02 -18.88
C VAL B 58 -11.79 -8.92 -18.64
N GLY B 59 -11.38 -8.03 -17.74
CA GLY B 59 -9.98 -7.82 -17.50
C GLY B 59 -9.62 -7.37 -16.10
N CYS B 60 -8.97 -6.20 -15.99
CA CYS B 60 -8.47 -5.74 -14.70
C CYS B 60 -9.58 -5.65 -13.67
N VAL B 61 -10.69 -5.00 -14.02
CA VAL B 61 -11.72 -4.73 -13.02
C VAL B 61 -12.29 -6.04 -12.51
N PRO B 62 -12.91 -6.85 -13.36
CA PRO B 62 -13.57 -8.06 -12.84
C PRO B 62 -12.64 -8.97 -12.06
N LYS B 63 -11.43 -9.25 -12.56
CA LYS B 63 -10.56 -10.18 -11.83
C LYS B 63 -10.19 -9.63 -10.46
N LYS B 64 -9.88 -8.34 -10.38
CA LYS B 64 -9.59 -7.69 -9.10
C LYS B 64 -10.67 -8.01 -8.07
N LEU B 65 -11.93 -7.79 -8.45
CA LEU B 65 -13.04 -8.11 -7.55
C LEU B 65 -13.01 -9.58 -7.17
N MET B 66 -12.68 -10.46 -8.11
CA MET B 66 -12.72 -11.89 -7.81
C MET B 66 -11.52 -12.32 -6.97
N VAL B 67 -10.33 -11.78 -7.25
CA VAL B 67 -9.21 -12.01 -6.35
C VAL B 67 -9.56 -11.55 -4.95
N THR B 68 -10.08 -10.33 -4.84
CA THR B 68 -10.55 -9.85 -3.54
C THR B 68 -11.41 -10.90 -2.85
N GLY B 69 -12.40 -11.43 -3.57
CA GLY B 69 -13.25 -12.45 -2.99
C GLY B 69 -12.48 -13.71 -2.60
N ALA B 70 -11.46 -14.06 -3.36
CA ALA B 70 -10.66 -15.25 -3.02
C ALA B 70 -9.75 -14.99 -1.82
N GLN B 71 -9.35 -13.73 -1.61
CA GLN B 71 -8.53 -13.41 -0.44
C GLN B 71 -9.25 -13.76 0.85
N TYR B 72 -10.59 -13.75 0.84
CA TYR B 72 -11.34 -14.02 2.05
C TYR B 72 -11.18 -15.46 2.54
N MET B 73 -10.85 -16.39 1.64
CA MET B 73 -10.49 -17.73 2.12
C MET B 73 -9.32 -17.66 3.10
N ASP B 74 -8.29 -16.87 2.77
CA ASP B 74 -7.16 -16.74 3.67
C ASP B 74 -7.55 -15.94 4.91
N HIS B 75 -8.24 -14.82 4.72
CA HIS B 75 -8.67 -13.98 5.83
C HIS B 75 -9.39 -14.80 6.91
N LEU B 76 -10.46 -15.50 6.53
CA LEU B 76 -11.20 -16.30 7.50
C LEU B 76 -10.28 -17.26 8.25
N ARG B 77 -9.35 -17.90 7.54
CA ARG B 77 -8.45 -18.83 8.19
C ARG B 77 -7.47 -18.10 9.10
N GLU B 78 -6.90 -16.99 8.64
CA GLU B 78 -5.89 -16.28 9.41
C GLU B 78 -6.47 -15.58 10.63
N SER B 79 -7.79 -15.34 10.66
CA SER B 79 -8.40 -14.61 11.77
C SER B 79 -8.36 -15.39 13.07
N ALA B 80 -8.14 -16.72 13.02
CA ALA B 80 -8.12 -17.51 14.24
C ALA B 80 -6.94 -17.15 15.12
N GLY B 81 -5.80 -16.83 14.52
CA GLY B 81 -4.63 -16.42 15.27
C GLY B 81 -4.85 -15.15 16.07
N PHE B 82 -5.79 -14.30 15.66
CA PHE B 82 -6.07 -13.05 16.32
C PHE B 82 -7.33 -13.12 17.19
N GLY B 83 -7.74 -14.32 17.59
CA GLY B 83 -8.77 -14.48 18.59
C GLY B 83 -10.17 -14.58 18.05
N TRP B 84 -10.34 -14.70 16.74
CA TRP B 84 -11.66 -14.79 16.12
C TRP B 84 -12.05 -16.25 16.00
N GLU B 85 -13.15 -16.61 16.65
CA GLU B 85 -13.64 -17.98 16.67
C GLU B 85 -14.96 -18.08 15.93
N PHE B 86 -15.18 -19.21 15.26
CA PHE B 86 -16.47 -19.50 14.63
C PHE B 86 -16.40 -20.89 14.02
N ASP B 87 -17.57 -21.50 13.86
CA ASP B 87 -17.69 -22.84 13.28
C ASP B 87 -16.96 -22.93 11.95
N GLY B 88 -15.75 -23.50 11.96
CA GLY B 88 -14.98 -23.62 10.72
C GLY B 88 -15.72 -24.41 9.66
N SER B 89 -16.40 -25.49 10.07
CA SER B 89 -17.06 -26.35 9.10
C SER B 89 -18.21 -25.67 8.38
N SER B 90 -18.72 -24.57 8.92
CA SER B 90 -19.86 -23.90 8.31
C SER B 90 -19.47 -22.92 7.20
N VAL B 91 -18.18 -22.72 6.96
CA VAL B 91 -17.73 -21.81 5.91
C VAL B 91 -17.91 -22.46 4.55
N LYS B 92 -18.38 -21.68 3.58
CA LYS B 92 -18.46 -22.11 2.19
C LYS B 92 -18.64 -20.89 1.30
N ALA B 93 -18.05 -20.94 0.12
CA ALA B 93 -18.09 -19.83 -0.84
C ALA B 93 -19.13 -20.09 -1.92
N ASN B 94 -19.96 -19.09 -2.19
CA ASN B 94 -21.03 -19.19 -3.17
C ASN B 94 -20.55 -18.54 -4.47
N TRP B 95 -20.20 -19.37 -5.45
CA TRP B 95 -19.63 -18.86 -6.69
C TRP B 95 -20.63 -18.02 -7.47
N LYS B 96 -21.92 -18.34 -7.40
CA LYS B 96 -22.90 -17.58 -8.16
C LYS B 96 -23.03 -16.16 -7.62
N LYS B 97 -23.05 -16.00 -6.29
CA LYS B 97 -23.10 -14.67 -5.70
C LYS B 97 -21.88 -13.83 -6.10
N LEU B 98 -20.71 -14.46 -6.21
CA LEU B 98 -19.54 -13.71 -6.66
C LEU B 98 -19.76 -13.16 -8.05
N ILE B 99 -20.20 -14.00 -8.98
CA ILE B 99 -20.39 -13.56 -10.37
C ILE B 99 -21.47 -12.49 -10.44
N ALA B 100 -22.61 -12.75 -9.82
CA ALA B 100 -23.69 -11.76 -9.80
C ALA B 100 -23.18 -10.42 -9.30
N ALA B 101 -22.44 -10.44 -8.18
CA ALA B 101 -21.90 -9.20 -7.63
C ALA B 101 -20.95 -8.54 -8.62
N LYS B 102 -20.07 -9.31 -9.23
CA LYS B 102 -19.15 -8.76 -10.21
C LYS B 102 -19.89 -8.19 -11.42
N ASN B 103 -20.94 -8.90 -11.88
CA ASN B 103 -21.72 -8.41 -13.01
C ASN B 103 -22.29 -7.02 -12.71
N GLU B 104 -22.93 -6.86 -11.55
CA GLU B 104 -23.47 -5.57 -11.17
C GLU B 104 -22.40 -4.48 -11.25
N ALA B 105 -21.23 -4.72 -10.66
CA ALA B 105 -20.20 -3.69 -10.62
C ALA B 105 -19.74 -3.32 -12.02
N VAL B 106 -19.48 -4.33 -12.86
CA VAL B 106 -19.08 -4.06 -14.23
C VAL B 106 -20.21 -3.35 -14.98
N LEU B 107 -21.44 -3.81 -14.80
CA LEU B 107 -22.57 -3.18 -15.48
C LEU B 107 -22.65 -1.71 -15.15
N ASP B 108 -22.42 -1.34 -13.88
CA ASP B 108 -22.49 0.05 -13.49
C ASP B 108 -21.51 0.91 -14.28
N ILE B 109 -20.29 0.42 -14.48
CA ILE B 109 -19.33 1.15 -15.31
C ILE B 109 -19.87 1.28 -16.73
N ASN B 110 -20.32 0.16 -17.32
CA ASN B 110 -20.96 0.22 -18.64
C ASN B 110 -22.03 1.30 -18.70
N LYS B 111 -22.85 1.39 -17.65
CA LYS B 111 -23.96 2.34 -17.65
C LYS B 111 -23.47 3.78 -17.62
N SER B 112 -22.37 4.04 -16.90
CA SER B 112 -21.90 5.41 -16.75
C SER B 112 -21.17 5.88 -18.00
N TYR B 113 -20.34 5.03 -18.60
CA TYR B 113 -19.68 5.41 -19.84
C TYR B 113 -20.71 5.81 -20.89
N GLU B 114 -21.75 5.00 -21.07
CA GLU B 114 -22.93 5.50 -21.77
C GLU B 114 -23.55 6.60 -20.93
N GLY B 115 -24.08 7.61 -21.59
CA GLY B 115 -24.52 8.79 -20.88
C GLY B 115 -23.42 9.82 -20.83
N MET B 116 -22.18 9.38 -20.64
CA MET B 116 -21.04 10.21 -20.98
C MET B 116 -21.10 10.61 -22.45
N PHE B 117 -21.38 9.64 -23.32
CA PHE B 117 -21.64 9.96 -24.73
C PHE B 117 -22.90 10.80 -24.86
N ASN B 118 -23.95 10.46 -24.11
CA ASN B 118 -25.24 11.14 -24.26
C ASN B 118 -25.14 12.59 -23.83
N ASP B 119 -24.20 12.92 -22.95
CA ASP B 119 -24.11 14.26 -22.38
C ASP B 119 -22.92 15.06 -22.90
N THR B 120 -22.07 14.49 -23.75
CA THR B 120 -20.88 15.18 -24.25
C THR B 120 -21.05 15.41 -25.74
N GLU B 121 -21.23 16.67 -26.14
CA GLU B 121 -21.36 17.00 -27.55
C GLU B 121 -20.03 16.72 -28.26
N GLY B 122 -20.11 16.43 -29.55
CA GLY B 122 -18.92 16.07 -30.29
C GLY B 122 -18.38 14.69 -29.99
N LEU B 123 -18.99 13.93 -29.08
CA LEU B 123 -18.58 12.57 -28.75
C LEU B 123 -19.76 11.63 -28.98
N ASP B 124 -19.73 10.88 -30.09
CA ASP B 124 -20.83 10.02 -30.48
C ASP B 124 -20.38 8.56 -30.55
N PHE B 125 -21.23 7.66 -30.07
CA PHE B 125 -20.96 6.23 -30.07
C PHE B 125 -21.74 5.55 -31.19
N PHE B 126 -21.13 4.52 -31.79
CA PHE B 126 -21.73 3.78 -32.90
C PHE B 126 -21.58 2.28 -32.66
N LEU B 127 -22.69 1.64 -32.31
CA LEU B 127 -22.70 0.19 -32.11
C LEU B 127 -22.52 -0.54 -33.44
N GLY B 128 -21.46 -1.33 -33.56
CA GLY B 128 -21.22 -2.09 -34.77
C GLY B 128 -19.79 -2.57 -34.82
N TRP B 129 -19.44 -3.16 -35.96
CA TRP B 129 -18.09 -3.64 -36.22
C TRP B 129 -17.40 -2.70 -37.19
N GLY B 130 -16.27 -2.14 -36.76
CA GLY B 130 -15.55 -1.18 -37.56
C GLY B 130 -14.46 -1.83 -38.39
N SER B 131 -14.23 -1.27 -39.57
CA SER B 131 -13.16 -1.72 -40.45
C SER B 131 -12.83 -0.59 -41.41
N LEU B 132 -11.67 -0.71 -42.04
CA LEU B 132 -11.18 0.33 -42.96
C LEU B 132 -11.70 0.05 -44.37
N GLU B 133 -12.44 1.00 -44.92
CA GLU B 133 -12.86 0.93 -46.32
C GLU B 133 -11.87 1.66 -47.23
N SER B 134 -11.41 2.83 -46.80
CA SER B 134 -10.39 3.59 -47.52
C SER B 134 -9.57 4.37 -46.50
N LYS B 135 -8.60 5.14 -46.98
CA LYS B 135 -7.72 5.86 -46.08
C LYS B 135 -8.49 6.80 -45.15
N ASN B 136 -9.67 7.28 -45.58
CA ASN B 136 -10.40 8.29 -44.83
C ASN B 136 -11.86 7.88 -44.55
N VAL B 137 -12.17 6.59 -44.59
CA VAL B 137 -13.54 6.14 -44.38
C VAL B 137 -13.53 4.89 -43.52
N VAL B 138 -14.24 4.96 -42.39
CA VAL B 138 -14.47 3.81 -41.53
C VAL B 138 -15.89 3.31 -41.77
N VAL B 139 -16.04 2.02 -42.05
CA VAL B 139 -17.35 1.41 -42.24
C VAL B 139 -17.72 0.66 -40.97
N VAL B 140 -18.99 0.72 -40.60
CA VAL B 140 -19.51 0.02 -39.44
C VAL B 140 -20.57 -0.95 -39.94
N ARG B 141 -20.26 -2.24 -39.91
CA ARG B 141 -21.19 -3.27 -40.34
C ARG B 141 -21.87 -3.93 -39.14
N GLU B 142 -22.89 -4.72 -39.44
CA GLU B 142 -23.68 -5.35 -38.38
C GLU B 142 -22.93 -6.50 -37.70
N THR B 143 -21.97 -7.12 -38.38
CA THR B 143 -21.21 -8.22 -37.82
C THR B 143 -19.78 -8.12 -38.27
N ALA B 144 -18.92 -8.95 -37.67
CA ALA B 144 -17.52 -8.98 -38.03
C ALA B 144 -17.28 -9.44 -39.46
N ASP B 145 -18.31 -9.93 -40.14
CA ASP B 145 -18.15 -10.46 -41.49
C ASP B 145 -18.21 -9.33 -42.52
N PRO B 146 -17.29 -9.29 -43.48
CA PRO B 146 -17.36 -8.22 -44.50
C PRO B 146 -18.63 -8.28 -45.34
N LYS B 147 -19.28 -9.45 -45.43
CA LYS B 147 -20.51 -9.59 -46.19
C LYS B 147 -21.74 -9.08 -45.44
N SER B 148 -21.58 -8.61 -44.21
CA SER B 148 -22.74 -8.22 -43.43
C SER B 148 -23.14 -6.79 -43.76
N ALA B 149 -24.34 -6.41 -43.32
CA ALA B 149 -24.94 -5.14 -43.69
C ALA B 149 -24.13 -3.96 -43.19
N VAL B 150 -23.98 -2.95 -44.05
CA VAL B 150 -23.42 -1.68 -43.61
C VAL B 150 -24.44 -0.93 -42.78
N LYS B 151 -24.02 -0.45 -41.62
CA LYS B 151 -24.84 0.44 -40.80
C LYS B 151 -24.56 1.91 -41.06
N GLU B 152 -23.28 2.27 -41.14
CA GLU B 152 -22.85 3.65 -41.31
C GLU B 152 -21.54 3.66 -42.11
N ARG B 153 -21.26 4.82 -42.70
CA ARG B 153 -19.93 5.12 -43.25
C ARG B 153 -19.48 6.44 -42.65
N LEU B 154 -18.34 6.41 -41.95
CA LEU B 154 -17.87 7.57 -41.19
C LEU B 154 -16.67 8.19 -41.88
N GLN B 155 -16.85 9.40 -42.41
CA GLN B 155 -15.72 10.17 -42.91
C GLN B 155 -14.83 10.58 -41.74
N ALA B 156 -13.52 10.39 -41.90
CA ALA B 156 -12.59 10.56 -40.80
C ALA B 156 -11.32 11.22 -41.29
N ASP B 157 -11.03 12.43 -40.78
CA ASP B 157 -9.73 13.03 -41.04
C ASP B 157 -8.61 12.21 -40.40
N HIS B 158 -8.91 11.54 -39.29
CA HIS B 158 -7.96 10.69 -38.58
C HIS B 158 -8.70 9.46 -38.08
N ILE B 159 -8.07 8.30 -38.25
CA ILE B 159 -8.60 7.04 -37.76
C ILE B 159 -7.61 6.47 -36.75
N LEU B 160 -8.12 5.97 -35.63
CA LEU B 160 -7.30 5.37 -34.58
C LEU B 160 -7.73 3.93 -34.36
N LEU B 161 -6.80 3.00 -34.55
CA LEU B 161 -7.08 1.58 -34.33
C LEU B 161 -6.79 1.24 -32.87
N ALA B 162 -7.82 0.81 -32.15
CA ALA B 162 -7.67 0.53 -30.72
C ALA B 162 -8.54 -0.67 -30.32
N THR B 163 -8.39 -1.77 -31.06
CA THR B 163 -9.22 -2.95 -30.85
C THR B 163 -8.62 -3.97 -29.89
N GLY B 164 -7.47 -3.67 -29.28
CA GLY B 164 -6.92 -4.55 -28.27
C GLY B 164 -6.43 -5.88 -28.82
N SER B 165 -6.54 -6.91 -27.98
CA SER B 165 -6.04 -8.24 -28.24
C SER B 165 -7.13 -9.26 -27.95
N TRP B 166 -6.81 -10.53 -28.20
CA TRP B 166 -7.78 -11.62 -28.07
C TRP B 166 -7.05 -12.86 -27.58
N PRO B 167 -7.73 -13.71 -26.82
CA PRO B 167 -7.05 -14.91 -26.28
C PRO B 167 -6.55 -15.81 -27.40
N GLN B 168 -5.31 -16.26 -27.28
CA GLN B 168 -4.75 -17.23 -28.20
C GLN B 168 -5.12 -18.63 -27.72
N MET B 169 -5.58 -19.47 -28.64
CA MET B 169 -6.00 -20.82 -28.31
C MET B 169 -5.20 -21.83 -29.13
N PRO B 170 -4.36 -22.66 -28.49
CA PRO B 170 -3.56 -23.61 -29.26
C PRO B 170 -4.46 -24.56 -30.05
N ALA B 171 -4.00 -24.91 -31.26
CA ALA B 171 -4.79 -25.74 -32.16
C ALA B 171 -4.51 -27.22 -31.89
N ILE B 172 -4.94 -27.66 -30.71
CA ILE B 172 -4.86 -29.07 -30.33
C ILE B 172 -6.24 -29.70 -30.51
N PRO B 173 -6.31 -31.00 -30.78
CA PRO B 173 -7.62 -31.67 -30.86
C PRO B 173 -8.29 -31.72 -29.50
N GLY B 174 -9.57 -31.37 -29.47
CA GLY B 174 -10.27 -31.18 -28.21
C GLY B 174 -10.25 -29.76 -27.70
N ILE B 175 -9.56 -28.84 -28.39
CA ILE B 175 -9.58 -27.44 -27.99
C ILE B 175 -11.01 -26.95 -27.85
N GLU B 176 -11.94 -27.51 -28.63
CA GLU B 176 -13.35 -27.14 -28.51
C GLU B 176 -13.83 -27.25 -27.08
N HIS B 177 -13.30 -28.21 -26.33
CA HIS B 177 -13.73 -28.47 -24.96
C HIS B 177 -13.03 -27.58 -23.94
N CYS B 178 -12.27 -26.58 -24.38
CA CYS B 178 -11.57 -25.67 -23.50
C CYS B 178 -12.22 -24.29 -23.54
N ILE B 179 -11.83 -23.44 -22.59
CA ILE B 179 -12.27 -22.06 -22.52
C ILE B 179 -11.04 -21.16 -22.40
N SER B 180 -11.28 -19.86 -22.39
CA SER B 180 -10.24 -18.86 -22.12
C SER B 180 -10.66 -18.01 -20.92
N SER B 181 -9.89 -16.96 -20.65
CA SER B 181 -10.25 -16.06 -19.55
C SER B 181 -11.64 -15.44 -19.78
N ASN B 182 -12.00 -15.18 -21.03
CA ASN B 182 -13.30 -14.58 -21.34
C ASN B 182 -14.45 -15.37 -20.72
N GLU B 183 -14.55 -16.67 -21.05
CA GLU B 183 -15.67 -17.46 -20.54
C GLU B 183 -15.52 -17.79 -19.06
N ALA B 184 -14.30 -17.79 -18.53
CA ALA B 184 -14.11 -18.08 -17.12
C ALA B 184 -14.85 -17.08 -16.23
N PHE B 185 -14.97 -15.83 -16.69
CA PHE B 185 -15.75 -14.82 -15.98
C PHE B 185 -17.25 -15.10 -15.95
N TYR B 186 -17.75 -16.15 -16.61
CA TYR B 186 -19.18 -16.39 -16.63
C TYR B 186 -19.56 -17.84 -16.41
N LEU B 187 -18.69 -18.63 -15.76
CA LEU B 187 -19.00 -20.03 -15.53
C LEU B 187 -20.24 -20.16 -14.65
N PRO B 188 -21.12 -21.12 -14.95
CA PRO B 188 -22.29 -21.32 -14.08
C PRO B 188 -21.93 -21.72 -12.67
N GLU B 189 -20.95 -22.59 -12.52
CA GLU B 189 -20.55 -23.12 -11.22
C GLU B 189 -19.03 -23.14 -11.15
N PRO B 190 -18.46 -23.15 -9.96
CA PRO B 190 -17.00 -23.24 -9.82
C PRO B 190 -16.53 -24.65 -10.11
N PRO B 191 -15.50 -24.80 -10.93
CA PRO B 191 -15.00 -26.16 -11.25
C PRO B 191 -14.43 -26.83 -10.02
N ARG B 192 -14.77 -28.12 -9.84
CA ARG B 192 -14.16 -28.88 -8.77
C ARG B 192 -12.70 -29.15 -9.06
N ARG B 193 -12.45 -29.59 -10.30
CA ARG B 193 -11.10 -29.83 -10.80
C ARG B 193 -10.90 -28.88 -11.99
N VAL B 194 -9.80 -28.14 -12.01
CA VAL B 194 -9.56 -27.18 -13.06
C VAL B 194 -8.08 -27.19 -13.42
N LEU B 195 -7.79 -26.92 -14.69
CA LEU B 195 -6.42 -26.85 -15.18
C LEU B 195 -6.25 -25.54 -15.93
N THR B 196 -5.56 -24.58 -15.32
CA THR B 196 -5.12 -23.40 -16.04
C THR B 196 -3.84 -23.72 -16.80
N VAL B 197 -3.74 -23.22 -18.02
CA VAL B 197 -2.62 -23.51 -18.91
C VAL B 197 -1.89 -22.21 -19.21
N GLY B 198 -0.63 -22.14 -18.83
CA GLY B 198 0.18 -20.97 -19.07
C GLY B 198 0.84 -20.49 -17.79
N GLY B 199 2.08 -20.03 -17.89
CA GLY B 199 2.81 -19.51 -16.76
C GLY B 199 2.67 -18.02 -16.55
N GLY B 200 1.76 -17.35 -17.24
CA GLY B 200 1.62 -15.91 -17.16
C GLY B 200 0.74 -15.48 -16.01
N PHE B 201 0.49 -14.16 -15.98
CA PHE B 201 -0.23 -13.60 -14.85
C PHE B 201 -1.71 -13.96 -14.87
N ILE B 202 -2.26 -14.23 -16.05
CA ILE B 202 -3.68 -14.59 -16.12
C ILE B 202 -3.90 -15.99 -15.56
N SER B 203 -3.04 -16.95 -15.94
CA SER B 203 -3.19 -18.29 -15.39
C SER B 203 -2.98 -18.30 -13.89
N VAL B 204 -1.96 -17.59 -13.40
CA VAL B 204 -1.69 -17.57 -11.96
C VAL B 204 -2.84 -16.92 -11.20
N GLU B 205 -3.27 -15.73 -11.64
CA GLU B 205 -4.35 -15.05 -10.94
C GLU B 205 -5.60 -15.94 -10.86
N PHE B 206 -5.97 -16.59 -11.96
CA PHE B 206 -7.19 -17.40 -11.93
C PHE B 206 -6.99 -18.63 -11.06
N ALA B 207 -5.79 -19.22 -11.07
CA ALA B 207 -5.52 -20.33 -10.16
C ALA B 207 -5.94 -19.96 -8.74
N GLY B 208 -5.63 -18.74 -8.31
CA GLY B 208 -5.98 -18.33 -6.95
C GLY B 208 -7.47 -18.22 -6.73
N ILE B 209 -8.19 -17.73 -7.75
CA ILE B 209 -9.63 -17.58 -7.62
C ILE B 209 -10.30 -18.95 -7.57
N PHE B 210 -9.98 -19.82 -8.54
CA PHE B 210 -10.54 -21.16 -8.54
C PHE B 210 -10.17 -21.91 -7.26
N ASN B 211 -8.96 -21.68 -6.76
CA ASN B 211 -8.52 -22.39 -5.57
C ASN B 211 -9.36 -22.01 -4.35
N ALA B 212 -9.84 -20.76 -4.33
CA ALA B 212 -10.67 -20.27 -3.23
C ALA B 212 -12.08 -20.84 -3.27
N TYR B 213 -12.69 -20.86 -4.46
CA TYR B 213 -14.10 -21.18 -4.60
C TYR B 213 -14.37 -22.63 -4.98
N LYS B 214 -13.34 -23.44 -5.18
CA LYS B 214 -13.58 -24.83 -5.56
C LYS B 214 -14.46 -25.48 -4.51
N PRO B 215 -15.41 -26.33 -4.91
CA PRO B 215 -16.22 -27.05 -3.93
C PRO B 215 -15.37 -28.08 -3.20
N PRO B 216 -15.90 -28.67 -2.12
CA PRO B 216 -15.09 -29.62 -1.34
C PRO B 216 -14.50 -30.72 -2.22
N GLY B 217 -13.28 -31.13 -1.88
CA GLY B 217 -12.60 -32.16 -2.63
C GLY B 217 -12.14 -31.72 -4.00
N GLY B 218 -11.89 -30.43 -4.19
CA GLY B 218 -11.43 -29.90 -5.45
C GLY B 218 -9.92 -29.83 -5.52
N LYS B 219 -9.43 -29.44 -6.69
CA LYS B 219 -7.98 -29.38 -6.90
C LYS B 219 -7.69 -28.51 -8.10
N VAL B 220 -7.05 -27.38 -7.87
CA VAL B 220 -6.58 -26.53 -8.96
C VAL B 220 -5.22 -27.03 -9.43
N THR B 221 -5.05 -27.09 -10.74
CA THR B 221 -3.81 -27.57 -11.33
C THR B 221 -3.39 -26.57 -12.39
N LEU B 222 -2.22 -25.96 -12.20
CA LEU B 222 -1.63 -25.06 -13.18
C LEU B 222 -0.45 -25.76 -13.83
N CYS B 223 -0.39 -25.70 -15.15
CA CYS B 223 0.73 -26.26 -15.88
C CYS B 223 1.36 -25.21 -16.76
N TYR B 224 2.65 -25.37 -17.04
CA TYR B 224 3.40 -24.43 -17.86
C TYR B 224 4.50 -25.19 -18.57
N ARG B 225 4.57 -25.04 -19.90
CA ARG B 225 5.43 -25.91 -20.70
C ARG B 225 6.91 -25.76 -20.35
N ASN B 226 7.29 -24.70 -19.66
CA ASN B 226 8.68 -24.51 -19.28
C ASN B 226 8.89 -24.81 -17.80
N ASN B 227 10.09 -24.54 -17.30
CA ASN B 227 10.50 -25.00 -15.98
C ASN B 227 10.10 -24.07 -14.85
N LEU B 228 9.72 -22.82 -15.14
CA LEU B 228 9.41 -21.85 -14.09
C LEU B 228 8.39 -20.85 -14.61
N ILE B 229 7.40 -20.54 -13.78
CA ILE B 229 6.31 -19.66 -14.19
C ILE B 229 6.75 -18.20 -14.10
N LEU B 230 5.99 -17.35 -14.79
CA LEU B 230 6.14 -15.89 -14.70
C LEU B 230 7.49 -15.44 -15.27
N ARG B 231 7.84 -15.98 -16.43
CA ARG B 231 8.96 -15.45 -17.20
C ARG B 231 8.88 -13.93 -17.26
N GLY B 232 10.05 -13.29 -17.27
CA GLY B 232 10.13 -11.85 -17.31
C GLY B 232 10.00 -11.16 -15.96
N PHE B 233 9.54 -11.85 -14.94
CA PHE B 233 9.54 -11.32 -13.57
C PHE B 233 10.83 -11.72 -12.87
N ASP B 234 11.12 -11.01 -11.77
CA ASP B 234 12.31 -11.29 -10.99
C ASP B 234 12.32 -12.75 -10.53
N GLU B 235 13.46 -13.42 -10.72
CA GLU B 235 13.52 -14.86 -10.52
C GLU B 235 13.11 -15.24 -9.10
N THR B 236 13.74 -14.63 -8.09
CA THR B 236 13.41 -14.97 -6.70
C THR B 236 11.91 -14.87 -6.45
N ILE B 237 11.29 -13.77 -6.91
CA ILE B 237 9.84 -13.66 -6.80
C ILE B 237 9.17 -14.81 -7.54
N ARG B 238 9.64 -15.12 -8.76
CA ARG B 238 9.09 -16.25 -9.49
C ARG B 238 9.05 -17.51 -8.64
N GLU B 239 10.16 -17.82 -7.97
CA GLU B 239 10.24 -19.06 -7.21
C GLU B 239 9.49 -18.98 -5.88
N GLU B 240 9.39 -17.79 -5.28
CA GLU B 240 8.61 -17.67 -4.05
C GLU B 240 7.12 -17.79 -4.34
N VAL B 241 6.63 -17.10 -5.37
CA VAL B 241 5.22 -17.23 -5.72
C VAL B 241 4.89 -18.69 -5.99
N THR B 242 5.79 -19.42 -6.65
CA THR B 242 5.55 -20.84 -6.89
C THR B 242 5.38 -21.60 -5.57
N LYS B 243 6.26 -21.34 -4.59
CA LYS B 243 6.17 -22.02 -3.30
C LYS B 243 4.89 -21.63 -2.57
N GLN B 244 4.54 -20.35 -2.57
CA GLN B 244 3.34 -19.92 -1.86
C GLN B 244 2.07 -20.45 -2.53
N LEU B 245 2.11 -20.62 -3.85
CA LEU B 245 0.96 -21.21 -4.54
C LEU B 245 0.78 -22.66 -4.12
N THR B 246 1.87 -23.44 -4.18
CA THR B 246 1.81 -24.80 -3.66
C THR B 246 1.36 -24.82 -2.21
N ALA B 247 1.79 -23.82 -1.43
CA ALA B 247 1.43 -23.75 -0.02
C ALA B 247 -0.07 -23.59 0.19
N ASN B 248 -0.81 -23.13 -0.82
CA ASN B 248 -2.23 -22.87 -0.66
C ASN B 248 -3.12 -23.98 -1.20
N GLY B 249 -2.57 -24.90 -2.00
CA GLY B 249 -3.35 -26.00 -2.54
C GLY B 249 -3.24 -26.15 -4.05
N ILE B 250 -2.66 -25.15 -4.70
CA ILE B 250 -2.51 -25.16 -6.14
C ILE B 250 -1.32 -26.05 -6.50
N GLU B 251 -1.55 -27.03 -7.36
CA GLU B 251 -0.48 -27.87 -7.89
C GLU B 251 0.04 -27.30 -9.20
N ILE B 252 1.36 -27.19 -9.32
CA ILE B 252 2.02 -26.51 -10.43
C ILE B 252 2.77 -27.57 -11.25
N MET B 253 2.25 -27.86 -12.44
CA MET B 253 2.88 -28.81 -13.36
C MET B 253 3.73 -28.03 -14.35
N THR B 254 5.04 -28.04 -14.14
CA THR B 254 5.95 -27.37 -15.06
C THR B 254 6.53 -28.37 -16.05
N ASN B 255 7.17 -27.84 -17.08
CA ASN B 255 7.65 -28.64 -18.21
C ASN B 255 6.55 -29.57 -18.70
N GLU B 256 5.35 -29.02 -18.85
CA GLU B 256 4.17 -29.77 -19.27
C GLU B 256 3.30 -28.91 -20.16
N ASN B 257 2.78 -29.51 -21.23
CA ASN B 257 1.94 -28.81 -22.19
C ASN B 257 0.86 -29.76 -22.70
N PRO B 258 -0.41 -29.39 -22.61
CA PRO B 258 -1.49 -30.28 -23.06
C PRO B 258 -1.33 -30.65 -24.52
N ALA B 259 -1.58 -31.92 -24.82
CA ALA B 259 -1.48 -32.43 -26.19
C ALA B 259 -2.84 -32.72 -26.83
N LYS B 260 -3.86 -33.02 -26.03
CA LYS B 260 -5.21 -33.18 -26.55
C LYS B 260 -6.18 -33.32 -25.38
N VAL B 261 -7.44 -32.98 -25.63
CA VAL B 261 -8.50 -33.07 -24.65
C VAL B 261 -9.63 -33.90 -25.25
N SER B 262 -10.28 -34.72 -24.41
CA SER B 262 -11.41 -35.51 -24.86
C SER B 262 -12.48 -35.52 -23.77
N LEU B 263 -13.71 -35.81 -24.19
CA LEU B 263 -14.85 -35.83 -23.28
C LEU B 263 -15.00 -37.20 -22.63
N ASN B 264 -15.46 -37.19 -21.38
CA ASN B 264 -15.78 -38.39 -20.63
C ASN B 264 -17.29 -38.57 -20.57
N THR B 265 -17.71 -39.79 -20.21
CA THR B 265 -19.13 -40.08 -20.11
C THR B 265 -19.87 -39.04 -19.27
N ASP B 266 -19.38 -38.79 -18.05
CA ASP B 266 -20.04 -37.81 -17.19
C ASP B 266 -20.09 -36.43 -17.84
N GLY B 267 -19.14 -36.13 -18.72
CA GLY B 267 -19.02 -34.82 -19.31
C GLY B 267 -17.81 -34.02 -18.87
N SER B 268 -16.86 -34.63 -18.18
CA SER B 268 -15.63 -33.96 -17.78
C SER B 268 -14.57 -34.12 -18.87
N LYS B 269 -13.39 -33.57 -18.62
CA LYS B 269 -12.34 -33.49 -19.61
C LYS B 269 -11.20 -34.46 -19.26
N HIS B 270 -10.60 -35.02 -20.29
CA HIS B 270 -9.48 -35.96 -20.15
C HIS B 270 -8.30 -35.37 -20.91
N VAL B 271 -7.39 -34.71 -20.19
CA VAL B 271 -6.24 -34.05 -20.78
C VAL B 271 -5.11 -35.07 -20.93
N THR B 272 -4.35 -34.93 -22.01
CA THR B 272 -3.17 -35.75 -22.26
C THR B 272 -2.05 -34.81 -22.67
N PHE B 273 -1.02 -34.73 -21.84
CA PHE B 273 0.08 -33.82 -22.11
C PHE B 273 1.08 -34.47 -23.06
N GLU B 274 1.98 -33.65 -23.61
CA GLU B 274 3.03 -34.17 -24.49
C GLU B 274 3.85 -35.23 -23.78
N SER B 275 4.28 -34.96 -22.55
CA SER B 275 5.12 -35.92 -21.83
C SER B 275 4.45 -37.28 -21.72
N GLY B 276 3.12 -37.33 -21.75
CA GLY B 276 2.37 -38.57 -21.72
C GLY B 276 1.42 -38.70 -20.55
N LYS B 277 1.63 -37.97 -19.46
CA LYS B 277 0.73 -38.03 -18.32
C LYS B 277 -0.66 -37.55 -18.71
N THR B 278 -1.62 -37.83 -17.82
CA THR B 278 -3.01 -37.47 -18.07
C THR B 278 -3.65 -36.97 -16.78
N LEU B 279 -4.58 -36.03 -16.94
CA LEU B 279 -5.30 -35.46 -15.81
C LEU B 279 -6.76 -35.30 -16.19
N ASP B 280 -7.65 -35.70 -15.29
CA ASP B 280 -9.08 -35.55 -15.46
C ASP B 280 -9.54 -34.32 -14.69
N VAL B 281 -10.04 -33.31 -15.41
CA VAL B 281 -10.45 -32.05 -14.82
C VAL B 281 -11.81 -31.64 -15.38
N ASP B 282 -12.51 -30.81 -14.62
CA ASP B 282 -13.83 -30.34 -15.02
C ASP B 282 -13.77 -29.15 -15.96
N VAL B 283 -12.68 -28.39 -15.95
CA VAL B 283 -12.53 -27.23 -16.81
C VAL B 283 -11.07 -27.10 -17.21
N VAL B 284 -10.84 -26.63 -18.43
CA VAL B 284 -9.50 -26.38 -18.93
C VAL B 284 -9.46 -24.95 -19.44
N MET B 285 -8.79 -24.08 -18.70
CA MET B 285 -8.69 -22.66 -19.06
C MET B 285 -7.35 -22.39 -19.72
N MET B 286 -7.39 -21.98 -20.99
CA MET B 286 -6.19 -21.62 -21.71
C MET B 286 -5.86 -20.15 -21.44
N ALA B 287 -4.61 -19.91 -21.01
CA ALA B 287 -4.10 -18.57 -20.86
C ALA B 287 -2.63 -18.56 -21.27
N ILE B 288 -2.36 -18.99 -22.50
CA ILE B 288 -0.98 -19.08 -22.99
C ILE B 288 -0.52 -17.82 -23.69
N GLY B 289 -1.36 -16.80 -23.78
CA GLY B 289 -0.96 -15.55 -24.42
C GLY B 289 -2.15 -14.89 -25.06
N ARG B 290 -1.91 -13.68 -25.57
CA ARG B 290 -2.95 -12.90 -26.21
C ARG B 290 -2.40 -12.22 -27.45
N ILE B 291 -3.09 -12.39 -28.57
CA ILE B 291 -2.60 -11.91 -29.86
C ILE B 291 -3.33 -10.63 -30.25
N PRO B 292 -2.65 -9.69 -30.92
CA PRO B 292 -3.31 -8.43 -31.27
C PRO B 292 -4.48 -8.67 -32.22
N ARG B 293 -5.59 -7.97 -31.95
CA ARG B 293 -6.87 -8.23 -32.61
C ARG B 293 -6.94 -7.44 -33.92
N THR B 294 -6.22 -7.94 -34.92
CA THR B 294 -6.20 -7.33 -36.24
C THR B 294 -7.07 -8.08 -37.25
N ASN B 295 -7.83 -9.08 -36.79
CA ASN B 295 -8.46 -10.02 -37.70
C ASN B 295 -9.53 -9.34 -38.55
N ASP B 296 -10.35 -8.48 -37.95
CA ASP B 296 -11.58 -8.00 -38.58
C ASP B 296 -11.51 -6.55 -39.04
N LEU B 297 -10.33 -5.96 -39.11
CA LEU B 297 -10.18 -4.54 -39.43
C LEU B 297 -10.00 -4.27 -40.91
N GLN B 298 -9.73 -5.29 -41.73
CA GLN B 298 -9.55 -5.10 -43.16
C GLN B 298 -8.32 -4.24 -43.44
N LEU B 299 -7.26 -4.43 -42.65
CA LEU B 299 -6.06 -3.61 -42.80
C LEU B 299 -5.46 -3.70 -44.19
N GLY B 300 -5.74 -4.79 -44.92
CA GLY B 300 -5.21 -4.94 -46.27
C GLY B 300 -5.82 -3.97 -47.26
N ASN B 301 -7.09 -3.59 -47.06
CA ASN B 301 -7.72 -2.63 -47.95
C ASN B 301 -6.96 -1.31 -48.02
N VAL B 302 -6.16 -0.99 -47.00
CA VAL B 302 -5.49 0.31 -46.96
C VAL B 302 -3.98 0.13 -47.03
N GLY B 303 -3.49 -1.00 -46.54
CA GLY B 303 -2.07 -1.27 -46.53
C GLY B 303 -1.37 -1.01 -45.22
N VAL B 304 -2.10 -0.97 -44.11
CA VAL B 304 -1.46 -0.78 -42.80
C VAL B 304 -0.55 -1.97 -42.53
N LYS B 305 0.75 -1.71 -42.42
CA LYS B 305 1.73 -2.76 -42.25
C LYS B 305 1.71 -3.30 -40.82
N LEU B 306 1.79 -4.62 -40.70
CA LEU B 306 1.91 -5.27 -39.41
C LEU B 306 3.37 -5.52 -39.06
N THR B 307 3.61 -5.82 -37.80
CA THR B 307 4.94 -6.16 -37.33
C THR B 307 5.24 -7.63 -37.58
N PRO B 308 6.52 -8.00 -37.70
CA PRO B 308 6.87 -9.42 -37.85
C PRO B 308 6.32 -10.28 -36.72
N LYS B 309 6.06 -9.68 -35.57
CA LYS B 309 5.46 -10.41 -34.45
C LYS B 309 3.94 -10.46 -34.53
N GLY B 310 3.32 -9.60 -35.34
CA GLY B 310 1.88 -9.68 -35.59
C GLY B 310 1.08 -8.46 -35.19
N GLY B 311 1.66 -7.51 -34.46
CA GLY B 311 0.96 -6.30 -34.10
C GLY B 311 1.04 -5.24 -35.17
N VAL B 312 0.21 -4.20 -35.02
CA VAL B 312 0.25 -3.07 -35.95
C VAL B 312 1.54 -2.29 -35.72
N GLN B 313 2.25 -2.00 -36.81
CA GLN B 313 3.51 -1.30 -36.71
C GLN B 313 3.27 0.20 -36.52
N VAL B 314 3.87 0.76 -35.47
CA VAL B 314 3.70 2.17 -35.11
C VAL B 314 5.04 2.71 -34.63
N ASP B 315 5.35 3.96 -35.00
CA ASP B 315 6.51 4.66 -34.48
C ASP B 315 6.22 5.14 -33.06
N GLU B 316 7.12 5.95 -32.50
CA GLU B 316 6.97 6.38 -31.11
C GLU B 316 5.81 7.34 -30.91
N PHE B 317 5.21 7.83 -31.99
CA PHE B 317 4.03 8.67 -31.90
C PHE B 317 2.76 7.94 -32.31
N SER B 318 2.81 6.61 -32.36
CA SER B 318 1.65 5.76 -32.66
C SER B 318 1.19 5.89 -34.12
N ARG B 319 2.05 6.42 -34.99
CA ARG B 319 1.72 6.56 -36.40
C ARG B 319 2.00 5.28 -37.16
N THR B 320 1.07 4.91 -38.02
CA THR B 320 1.24 3.76 -38.90
C THR B 320 1.87 4.20 -40.22
N ASN B 321 2.26 3.21 -41.02
CA ASN B 321 2.82 3.51 -42.35
C ASN B 321 1.88 4.37 -43.17
N VAL B 322 0.56 4.26 -42.93
CA VAL B 322 -0.45 4.99 -43.68
C VAL B 322 -0.71 6.32 -42.97
N PRO B 323 -0.66 7.44 -43.68
CA PRO B 323 -0.87 8.74 -43.02
C PRO B 323 -2.24 8.84 -42.39
N ASN B 324 -2.31 9.52 -41.24
CA ASN B 324 -3.51 9.82 -40.50
C ASN B 324 -4.15 8.59 -39.86
N ILE B 325 -3.51 7.43 -39.94
CA ILE B 325 -3.98 6.22 -39.26
C ILE B 325 -3.01 5.93 -38.13
N TYR B 326 -3.56 5.69 -36.94
CA TYR B 326 -2.78 5.49 -35.73
C TYR B 326 -3.24 4.22 -35.04
N ALA B 327 -2.40 3.70 -34.15
CA ALA B 327 -2.72 2.51 -33.39
C ALA B 327 -2.14 2.65 -32.00
N ILE B 328 -2.87 2.10 -31.01
CA ILE B 328 -2.44 2.11 -29.61
C ILE B 328 -3.01 0.87 -28.93
N GLY B 329 -2.45 0.56 -27.76
CA GLY B 329 -2.98 -0.51 -26.95
C GLY B 329 -2.46 -1.87 -27.38
N ASP B 330 -3.16 -2.91 -26.91
CA ASP B 330 -2.72 -4.28 -27.17
C ASP B 330 -2.54 -4.57 -28.66
N ILE B 331 -3.20 -3.81 -29.53
CA ILE B 331 -3.07 -4.08 -30.96
C ILE B 331 -1.65 -3.82 -31.45
N THR B 332 -0.88 -2.99 -30.74
CA THR B 332 0.51 -2.75 -31.10
C THR B 332 1.45 -3.83 -30.57
N ASP B 333 1.00 -4.64 -29.62
CA ASP B 333 1.78 -5.76 -29.10
C ASP B 333 3.10 -5.27 -28.48
N ARG B 334 2.96 -4.38 -27.49
CA ARG B 334 4.11 -3.85 -26.77
C ARG B 334 3.89 -4.19 -25.31
N LEU B 335 3.58 -3.23 -24.45
CA LEU B 335 3.23 -3.52 -23.07
C LEU B 335 1.71 -3.56 -22.97
N MET B 336 1.16 -4.76 -22.77
CA MET B 336 -0.29 -4.94 -22.76
C MET B 336 -0.79 -4.61 -21.36
N LEU B 337 -0.90 -3.31 -21.10
CA LEU B 337 -1.38 -2.79 -19.82
C LEU B 337 -2.27 -1.58 -20.07
N THR B 338 -3.39 -1.54 -19.34
CA THR B 338 -4.35 -0.46 -19.49
C THR B 338 -3.75 0.94 -19.39
N PRO B 339 -3.02 1.30 -18.33
CA PRO B 339 -2.47 2.66 -18.27
C PRO B 339 -1.51 2.97 -19.40
N VAL B 340 -0.88 1.96 -20.01
CA VAL B 340 0.00 2.24 -21.14
C VAL B 340 -0.82 2.71 -22.34
N ALA B 341 -1.93 2.02 -22.63
CA ALA B 341 -2.82 2.45 -23.70
C ALA B 341 -3.43 3.82 -23.40
N ILE B 342 -3.96 3.98 -22.19
CA ILE B 342 -4.50 5.28 -21.78
C ILE B 342 -3.47 6.38 -22.01
N ASN B 343 -2.27 6.20 -21.47
CA ASN B 343 -1.22 7.20 -21.68
C ASN B 343 -0.91 7.34 -23.17
N GLU B 344 -0.89 6.22 -23.90
CA GLU B 344 -0.66 6.28 -25.33
C GLU B 344 -1.77 7.05 -26.03
N GLY B 345 -3.00 6.89 -25.57
CA GLY B 345 -4.11 7.63 -26.16
C GLY B 345 -4.03 9.11 -25.86
N ALA B 346 -3.84 9.46 -24.59
CA ALA B 346 -3.79 10.88 -24.22
C ALA B 346 -2.64 11.58 -24.92
N ALA B 347 -1.50 10.89 -25.09
CA ALA B 347 -0.39 11.47 -25.81
C ALA B 347 -0.74 11.69 -27.27
N LEU B 348 -1.40 10.71 -27.89
CA LEU B 348 -1.75 10.83 -29.30
C LEU B 348 -2.60 12.06 -29.54
N VAL B 349 -3.59 12.30 -28.68
CA VAL B 349 -4.49 13.44 -28.85
C VAL B 349 -3.73 14.76 -28.67
N ASP B 350 -2.91 14.85 -27.62
CA ASP B 350 -2.13 16.08 -27.42
C ASP B 350 -1.28 16.39 -28.65
N THR B 351 -0.68 15.37 -29.24
CA THR B 351 0.20 15.61 -30.39
C THR B 351 -0.58 16.06 -31.61
N VAL B 352 -1.66 15.35 -31.94
CA VAL B 352 -2.38 15.63 -33.17
C VAL B 352 -3.21 16.91 -33.04
N PHE B 353 -3.88 17.09 -31.90
CA PHE B 353 -4.82 18.20 -31.73
C PHE B 353 -4.31 19.27 -30.77
N GLY B 354 -3.02 19.28 -30.48
CA GLY B 354 -2.44 20.32 -29.65
C GLY B 354 -1.25 20.95 -30.32
N ASN B 355 -0.47 21.72 -29.57
CA ASN B 355 0.77 22.32 -30.06
C ASN B 355 1.93 21.92 -29.17
N LYS B 356 1.95 20.65 -28.76
CA LYS B 356 3.01 20.11 -27.92
C LYS B 356 3.10 18.60 -28.15
N PRO B 357 4.11 18.13 -28.88
CA PRO B 357 4.27 16.69 -29.09
C PRO B 357 4.52 15.98 -27.76
N ARG B 358 3.90 14.81 -27.62
CA ARG B 358 4.05 13.99 -26.41
C ARG B 358 4.11 12.53 -26.83
N LYS B 359 5.07 11.78 -26.28
CA LYS B 359 5.22 10.36 -26.56
C LYS B 359 5.31 9.58 -25.26
N THR B 360 4.71 8.38 -25.26
CA THR B 360 4.62 7.58 -24.06
C THR B 360 5.95 6.89 -23.76
N ASP B 361 6.55 7.23 -22.62
CA ASP B 361 7.72 6.51 -22.15
C ASP B 361 7.32 5.09 -21.79
N HIS B 362 7.96 4.11 -22.42
CA HIS B 362 7.61 2.71 -22.24
C HIS B 362 8.55 1.97 -21.29
N THR B 363 9.57 2.63 -20.78
CA THR B 363 10.48 2.02 -19.81
C THR B 363 10.08 2.41 -18.39
N ARG B 364 10.54 1.61 -17.44
CA ARG B 364 10.31 1.88 -16.02
C ARG B 364 8.82 2.08 -15.73
N VAL B 365 8.01 1.18 -16.27
CA VAL B 365 6.56 1.18 -16.03
C VAL B 365 6.28 0.20 -14.88
N ALA B 366 5.62 0.70 -13.84
CA ALA B 366 5.30 -0.14 -12.69
C ALA B 366 4.03 -0.92 -12.96
N SER B 367 4.11 -2.24 -12.94
CA SER B 367 2.97 -3.12 -13.15
C SER B 367 2.74 -3.96 -11.90
N ALA B 368 1.67 -4.77 -11.92
CA ALA B 368 1.33 -5.62 -10.79
C ALA B 368 0.85 -6.97 -11.29
N VAL B 369 0.60 -7.86 -10.34
CA VAL B 369 0.08 -9.19 -10.60
C VAL B 369 -0.64 -9.64 -9.35
N PHE B 370 -1.96 -9.77 -9.42
CA PHE B 370 -2.77 -9.97 -8.21
C PHE B 370 -2.94 -11.45 -7.87
N SER B 371 -1.82 -12.15 -7.74
CA SER B 371 -1.79 -13.43 -7.07
C SER B 371 -2.02 -13.24 -5.57
N ILE B 372 -1.95 -14.34 -4.83
CA ILE B 372 -2.10 -14.29 -3.38
C ILE B 372 -0.89 -14.94 -2.74
N PRO B 373 0.05 -14.16 -2.17
CA PRO B 373 -0.01 -12.69 -2.17
C PRO B 373 0.39 -12.07 -3.51
N PRO B 374 0.21 -10.76 -3.64
CA PRO B 374 0.41 -10.09 -4.93
C PRO B 374 1.87 -9.76 -5.20
N ILE B 375 2.11 -9.24 -6.40
CA ILE B 375 3.44 -8.83 -6.82
C ILE B 375 3.36 -7.37 -7.29
N GLY B 376 4.30 -6.56 -6.85
CA GLY B 376 4.47 -5.22 -7.39
C GLY B 376 5.87 -5.06 -7.92
N THR B 377 6.02 -4.60 -9.15
CA THR B 377 7.33 -4.47 -9.75
C THR B 377 7.38 -3.24 -10.62
N CYS B 378 8.60 -2.81 -10.95
CA CYS B 378 8.82 -1.63 -11.77
C CYS B 378 10.28 -1.50 -12.13
N GLY B 379 10.59 -1.43 -13.43
CA GLY B 379 11.96 -1.36 -13.88
C GLY B 379 12.55 -2.71 -14.21
N LEU B 380 13.86 -2.72 -14.39
CA LEU B 380 14.57 -3.89 -14.88
C LEU B 380 14.74 -4.93 -13.78
N ILE B 381 15.04 -6.15 -14.20
CA ILE B 381 15.37 -7.25 -13.30
C ILE B 381 16.84 -7.59 -13.47
N GLU B 382 17.39 -8.27 -12.46
CA GLU B 382 18.82 -8.57 -12.39
C GLU B 382 19.43 -8.89 -13.75
N GLU B 383 18.95 -9.98 -14.36
CA GLU B 383 19.53 -10.47 -15.61
C GLU B 383 19.69 -9.35 -16.63
N VAL B 384 18.61 -8.62 -16.89
CA VAL B 384 18.65 -7.57 -17.91
C VAL B 384 19.64 -6.48 -17.53
N ALA B 385 19.59 -6.03 -16.27
CA ALA B 385 20.55 -5.01 -15.83
C ALA B 385 21.98 -5.47 -16.07
N ALA B 386 22.26 -6.76 -15.86
CA ALA B 386 23.62 -7.27 -16.07
C ALA B 386 24.00 -7.24 -17.55
N LYS B 387 23.03 -7.34 -18.45
CA LYS B 387 23.31 -7.20 -19.87
C LYS B 387 23.55 -5.76 -20.29
N GLU B 388 23.15 -4.79 -19.46
CA GLU B 388 23.13 -3.38 -19.84
C GLU B 388 24.20 -2.54 -19.18
N PHE B 389 24.54 -2.81 -17.92
CA PHE B 389 25.43 -1.95 -17.16
C PHE B 389 26.70 -2.68 -16.77
N GLU B 390 27.70 -1.89 -16.39
CA GLU B 390 29.02 -2.41 -16.03
C GLU B 390 28.95 -3.19 -14.72
N LYS B 391 28.80 -2.48 -13.61
CA LYS B 391 28.67 -3.07 -12.28
C LYS B 391 27.22 -2.94 -11.84
N VAL B 392 26.65 -4.04 -11.36
CA VAL B 392 25.25 -4.07 -10.92
C VAL B 392 25.20 -4.53 -9.48
N ALA B 393 24.51 -3.77 -8.64
CA ALA B 393 24.29 -4.12 -7.24
C ALA B 393 22.87 -4.60 -7.04
N VAL B 394 22.69 -5.55 -6.13
CA VAL B 394 21.39 -6.14 -5.85
C VAL B 394 21.15 -6.07 -4.35
N TYR B 395 20.29 -5.15 -3.93
CA TYR B 395 19.83 -5.09 -2.55
C TYR B 395 18.61 -6.00 -2.40
N MET B 396 18.63 -6.84 -1.37
CA MET B 396 17.59 -7.85 -1.20
C MET B 396 17.21 -7.97 0.27
N SER B 397 15.93 -8.27 0.50
CA SER B 397 15.36 -8.41 1.83
C SER B 397 14.18 -9.37 1.76
N SER B 398 14.20 -10.41 2.58
CA SER B 398 13.19 -11.44 2.53
C SER B 398 12.91 -11.97 3.93
N PHE B 399 11.64 -11.98 4.33
CA PHE B 399 11.27 -12.42 5.67
C PHE B 399 9.78 -12.75 5.67
N THR B 400 9.37 -13.43 6.74
CA THR B 400 7.94 -13.66 6.96
C THR B 400 7.45 -12.63 7.95
N PRO B 401 6.56 -11.71 7.55
CA PRO B 401 6.13 -10.65 8.47
C PRO B 401 5.64 -11.24 9.79
N LEU B 402 5.77 -10.44 10.85
CA LEU B 402 5.32 -10.88 12.17
C LEU B 402 3.82 -11.17 12.17
N MET B 403 3.05 -10.34 11.46
CA MET B 403 1.61 -10.56 11.39
C MET B 403 1.25 -11.94 10.85
N HIS B 404 2.14 -12.56 10.07
CA HIS B 404 1.86 -13.88 9.52
C HIS B 404 2.43 -15.02 10.37
N ASN B 405 3.42 -14.75 11.21
CA ASN B 405 3.79 -15.74 12.21
C ASN B 405 2.63 -15.99 13.17
N ILE B 406 1.74 -15.01 13.33
CA ILE B 406 0.57 -15.16 14.18
C ILE B 406 -0.62 -15.72 13.41
N SER B 407 -0.86 -15.20 12.20
CA SER B 407 -2.00 -15.66 11.41
C SER B 407 -1.91 -17.13 11.05
N GLY B 408 -0.73 -17.75 11.22
CA GLY B 408 -0.52 -19.11 10.82
C GLY B 408 0.02 -19.28 9.42
N SER B 409 -0.13 -18.28 8.56
CA SER B 409 0.35 -18.34 7.17
C SER B 409 1.82 -17.97 7.17
N LYS B 410 2.64 -18.95 7.55
CA LYS B 410 4.07 -18.71 7.75
C LYS B 410 4.86 -18.80 6.44
N TYR B 411 4.26 -19.37 5.39
CA TYR B 411 4.91 -19.42 4.09
C TYR B 411 4.94 -18.06 3.40
N LYS B 412 4.03 -17.16 3.79
CA LYS B 412 3.89 -15.87 3.13
C LYS B 412 5.10 -15.00 3.41
N LYS B 413 6.22 -15.29 2.74
CA LYS B 413 7.43 -14.51 2.94
C LYS B 413 7.42 -13.28 2.04
N PHE B 414 7.57 -12.11 2.65
CA PHE B 414 7.76 -10.88 1.89
C PHE B 414 9.11 -10.93 1.16
N VAL B 415 9.15 -10.30 -0.01
CA VAL B 415 10.38 -10.17 -0.78
C VAL B 415 10.48 -8.74 -1.31
N ALA B 416 11.69 -8.23 -1.38
CA ALA B 416 11.89 -6.83 -1.79
C ALA B 416 13.31 -6.71 -2.35
N LYS B 417 13.46 -6.97 -3.64
CA LYS B 417 14.73 -6.77 -4.31
C LYS B 417 14.87 -5.32 -4.76
N ILE B 418 16.13 -4.89 -4.95
CA ILE B 418 16.42 -3.61 -5.58
C ILE B 418 17.66 -3.73 -6.45
N VAL B 419 17.49 -3.54 -7.75
CA VAL B 419 18.60 -3.63 -8.69
C VAL B 419 19.21 -2.25 -8.83
N THR B 420 20.53 -2.19 -8.98
CA THR B 420 21.26 -0.94 -9.02
C THR B 420 22.41 -1.04 -10.01
N ASN B 421 22.75 0.10 -10.59
CA ASN B 421 24.02 0.27 -11.31
C ASN B 421 25.02 0.83 -10.32
N HIS B 422 25.94 -0.01 -9.85
CA HIS B 422 26.86 0.38 -8.80
C HIS B 422 27.79 1.52 -9.23
N SER B 423 27.79 1.90 -10.51
CA SER B 423 28.65 2.97 -10.98
C SER B 423 28.18 4.36 -10.59
N ASP B 424 26.97 4.49 -10.03
CA ASP B 424 26.44 5.80 -9.65
C ASP B 424 25.36 5.67 -8.58
N GLY B 425 24.73 4.51 -8.47
CA GLY B 425 23.73 4.26 -7.46
C GLY B 425 22.29 4.34 -7.93
N THR B 426 22.06 4.68 -9.20
CA THR B 426 20.69 4.88 -9.67
C THR B 426 19.92 3.56 -9.64
N VAL B 427 18.74 3.60 -9.03
CA VAL B 427 17.88 2.42 -8.98
C VAL B 427 17.39 2.09 -10.37
N LEU B 428 17.62 0.84 -10.79
CA LEU B 428 17.18 0.37 -12.11
C LEU B 428 15.86 -0.39 -12.05
N GLY B 429 15.51 -0.94 -10.89
CA GLY B 429 14.28 -1.69 -10.77
C GLY B 429 13.96 -2.00 -9.33
N VAL B 430 12.71 -2.35 -9.09
CA VAL B 430 12.22 -2.71 -7.76
C VAL B 430 11.21 -3.84 -7.91
N HIS B 431 11.30 -4.83 -7.03
CA HIS B 431 10.50 -6.04 -7.12
C HIS B 431 10.02 -6.44 -5.74
N LEU B 432 8.71 -6.53 -5.57
CA LEU B 432 8.10 -6.80 -4.28
C LEU B 432 7.21 -8.02 -4.37
N LEU B 433 7.03 -8.68 -3.24
CA LEU B 433 6.10 -9.80 -3.15
C LEU B 433 5.50 -9.78 -1.74
N GLY B 434 4.19 -9.93 -1.66
CA GLY B 434 3.49 -9.95 -0.40
C GLY B 434 2.41 -8.90 -0.33
N ASP B 435 1.68 -8.92 0.79
CA ASP B 435 0.58 -7.99 1.01
C ASP B 435 1.02 -6.55 0.77
N GLY B 436 0.23 -5.82 -0.01
CA GLY B 436 0.45 -4.41 -0.25
C GLY B 436 1.40 -4.07 -1.39
N ALA B 437 2.06 -5.06 -1.97
CA ALA B 437 3.05 -4.79 -3.02
C ALA B 437 2.49 -3.92 -4.15
N PRO B 438 1.31 -4.19 -4.71
CA PRO B 438 0.80 -3.32 -5.79
C PRO B 438 0.67 -1.87 -5.38
N GLU B 439 0.14 -1.61 -4.17
CA GLU B 439 0.02 -0.24 -3.70
C GLU B 439 1.39 0.40 -3.47
N ILE B 440 2.34 -0.37 -2.92
CA ILE B 440 3.67 0.18 -2.64
C ILE B 440 4.34 0.64 -3.92
N ILE B 441 4.22 -0.15 -4.99
CA ILE B 441 5.02 0.05 -6.19
C ILE B 441 4.64 1.33 -6.93
N GLN B 442 3.43 1.85 -6.71
CA GLN B 442 2.94 2.96 -7.52
C GLN B 442 3.84 4.19 -7.39
N ALA B 443 4.13 4.61 -6.15
CA ALA B 443 4.99 5.77 -5.99
C ALA B 443 6.44 5.46 -6.33
N VAL B 444 6.83 4.18 -6.23
CA VAL B 444 8.16 3.76 -6.69
C VAL B 444 8.32 4.04 -8.18
N GLY B 445 7.22 4.07 -8.93
CA GLY B 445 7.29 4.47 -10.32
C GLY B 445 7.60 5.94 -10.49
N VAL B 446 7.15 6.77 -9.55
CA VAL B 446 7.48 8.19 -9.58
C VAL B 446 8.97 8.39 -9.26
N CYS B 447 9.49 7.62 -8.30
CA CYS B 447 10.89 7.76 -7.94
C CYS B 447 11.82 7.44 -9.09
N LEU B 448 11.48 6.40 -9.87
CA LEU B 448 12.35 6.03 -10.99
C LEU B 448 12.34 7.09 -12.07
N ARG B 449 11.16 7.64 -12.38
CA ARG B 449 11.10 8.76 -13.33
C ARG B 449 12.00 9.91 -12.89
N LEU B 450 12.25 10.04 -11.58
CA LEU B 450 13.15 11.04 -11.05
C LEU B 450 14.58 10.53 -10.90
N ASN B 451 14.88 9.34 -11.41
CA ASN B 451 16.23 8.79 -11.36
C ASN B 451 16.73 8.71 -9.92
N ALA B 452 15.86 8.31 -9.01
CA ALA B 452 16.26 8.16 -7.62
C ALA B 452 17.43 7.20 -7.51
N LYS B 453 18.28 7.44 -6.52
CA LYS B 453 19.42 6.58 -6.23
C LYS B 453 19.18 5.80 -4.95
N ILE B 454 19.89 4.68 -4.82
CA ILE B 454 19.71 3.80 -3.67
C ILE B 454 19.83 4.59 -2.37
N SER B 455 20.76 5.55 -2.33
CA SER B 455 20.91 6.39 -1.15
C SER B 455 19.62 7.16 -0.86
N ASP B 456 18.98 7.68 -1.91
CA ASP B 456 17.74 8.44 -1.70
C ASP B 456 16.68 7.64 -0.99
N PHE B 457 16.80 6.32 -0.98
CA PHE B 457 15.82 5.50 -0.29
C PHE B 457 16.21 5.26 1.16
N TYR B 458 17.44 4.81 1.41
CA TYR B 458 17.82 4.52 2.79
C TYR B 458 18.06 5.79 3.60
N ASN B 459 18.30 6.93 2.96
CA ASN B 459 18.38 8.20 3.66
C ASN B 459 17.01 8.80 3.95
N THR B 460 15.93 8.15 3.51
CA THR B 460 14.57 8.59 3.81
C THR B 460 14.09 7.95 5.11
N ILE B 461 13.36 8.71 5.89
CA ILE B 461 12.83 8.21 7.16
C ILE B 461 11.59 7.36 6.89
N GLY B 462 11.56 6.17 7.47
CA GLY B 462 10.51 5.22 7.18
C GLY B 462 9.25 5.41 8.01
N VAL B 463 8.24 4.61 7.68
CA VAL B 463 6.93 4.67 8.31
C VAL B 463 6.78 3.41 9.14
N HIS B 464 6.73 3.56 10.45
CA HIS B 464 6.70 2.36 11.27
C HIS B 464 5.29 2.08 11.79
N PRO B 465 4.80 0.84 11.73
CA PRO B 465 5.45 -0.29 11.06
C PRO B 465 4.73 -0.69 9.78
N THR B 466 5.50 -0.87 8.71
CA THR B 466 4.91 -1.17 7.40
C THR B 466 5.86 -2.09 6.64
N SER B 467 5.31 -2.80 5.65
CA SER B 467 6.17 -3.57 4.76
C SER B 467 7.10 -2.66 3.97
N ALA B 468 6.59 -1.48 3.57
CA ALA B 468 7.38 -0.58 2.73
C ALA B 468 8.66 -0.10 3.40
N GLU B 469 8.74 -0.17 4.74
CA GLU B 469 9.98 0.21 5.43
C GLU B 469 11.17 -0.53 4.84
N GLU B 470 10.98 -1.79 4.46
CA GLU B 470 12.09 -2.60 3.99
C GLU B 470 12.83 -1.97 2.82
N LEU B 471 12.20 -1.04 2.10
CA LEU B 471 12.88 -0.38 0.99
C LEU B 471 13.90 0.63 1.48
N CYS B 472 13.57 1.35 2.55
CA CYS B 472 14.46 2.34 3.13
C CYS B 472 15.41 1.74 4.16
N SER B 473 15.66 0.44 4.09
CA SER B 473 16.46 -0.26 5.09
C SER B 473 17.58 -1.11 4.51
N MET B 474 17.66 -1.25 3.19
CA MET B 474 18.75 -2.02 2.57
C MET B 474 19.86 -1.05 2.19
N ARG B 475 20.97 -1.12 2.92
CA ARG B 475 22.08 -0.19 2.71
C ARG B 475 23.23 -0.80 1.93
N THR B 476 23.51 -2.08 2.16
CA THR B 476 24.60 -2.80 1.50
C THR B 476 24.14 -3.88 0.56
N PRO B 477 24.77 -3.97 -0.60
CA PRO B 477 24.27 -4.99 -1.55
C PRO B 477 24.36 -6.39 -0.96
N SER B 478 23.36 -7.21 -1.25
CA SER B 478 23.42 -8.60 -0.87
C SER B 478 24.38 -9.38 -1.77
N TYR B 479 24.57 -8.93 -3.02
CA TYR B 479 25.54 -9.48 -3.96
C TYR B 479 25.63 -8.51 -5.13
N TYR B 480 26.40 -8.90 -6.13
CA TYR B 480 26.73 -8.02 -7.25
C TYR B 480 26.63 -8.79 -8.56
N TYR B 481 26.78 -8.04 -9.66
CA TYR B 481 26.73 -8.55 -11.04
C TYR B 481 27.74 -7.71 -11.83
N VAL B 482 28.99 -8.16 -11.85
CA VAL B 482 30.05 -7.45 -12.56
C VAL B 482 30.23 -8.09 -13.93
N LYS B 483 30.15 -7.28 -14.98
CA LYS B 483 30.35 -7.74 -16.35
C LYS B 483 29.45 -8.93 -16.69
N GLY B 484 28.23 -8.93 -16.13
CA GLY B 484 27.28 -9.97 -16.41
C GLY B 484 27.32 -11.17 -15.49
N GLU B 485 28.40 -11.36 -14.74
CA GLU B 485 28.56 -12.51 -13.86
C GLU B 485 28.13 -12.16 -12.44
N LYS B 486 27.53 -13.14 -11.76
CA LYS B 486 27.05 -12.97 -10.39
C LYS B 486 28.16 -13.29 -9.40
N MET B 487 28.26 -12.49 -8.34
CA MET B 487 29.25 -12.71 -7.31
C MET B 487 28.80 -12.01 -6.03
N GLU B 488 29.10 -12.64 -4.89
CA GLU B 488 28.65 -12.14 -3.60
C GLU B 488 29.41 -10.93 -3.11
N LYS B 489 30.54 -10.63 -3.73
CA LYS B 489 31.34 -9.49 -3.35
C LYS B 489 32.04 -8.97 -4.56
N LEU B 490 32.54 -7.74 -4.49
CA LEU B 490 33.18 -7.13 -5.63
C LEU B 490 34.58 -7.61 -6.02
N PRO B 491 35.26 -6.83 -6.85
CA PRO B 491 36.61 -7.14 -7.27
C PRO B 491 37.62 -6.62 -6.26
N ASP B 492 38.52 -5.73 -6.66
CA ASP B 492 39.51 -5.25 -5.70
C ASP B 492 39.78 -3.74 -5.72
N SER B 493 40.00 -3.18 -4.54
CA SER B 493 40.33 -1.76 -4.36
C SER B 493 39.40 -0.73 -4.97
N ASN B 494 39.71 -0.32 -6.19
CA ASN B 494 38.94 0.69 -6.92
C ASN B 494 38.78 2.03 -6.19
N LEU B 495 39.85 2.81 -6.20
CA LEU B 495 39.86 4.11 -5.56
C LEU B 495 38.70 4.97 -6.04
PA FAD C . 11.03 5.08 24.10
O1A FAD C . 9.72 5.01 24.79
O2A FAD C . 11.23 4.00 23.03
O5B FAD C . 12.22 5.07 25.16
C5B FAD C . 11.97 5.26 26.57
C4B FAD C . 12.54 4.09 27.35
O4B FAD C . 13.32 4.58 28.47
C3B FAD C . 11.50 3.14 27.94
O3B FAD C . 11.93 1.79 27.78
C2B FAD C . 11.43 3.57 29.40
O2B FAD C . 11.04 2.51 30.27
C1B FAD C . 12.88 3.96 29.66
N9A FAD C . 13.07 4.92 30.76
C8A FAD C . 12.30 6.00 31.05
N7A FAD C . 12.70 6.69 32.09
C5A FAD C . 13.83 6.01 32.52
C6A FAD C . 14.71 6.21 33.59
N6A FAD C . 14.62 7.21 34.45
N1A FAD C . 15.73 5.33 33.74
C2A FAD C . 15.84 4.32 32.87
N3A FAD C . 15.06 4.02 31.84
C4A FAD C . 14.06 4.90 31.71
N1 FAD C . 5.60 5.87 16.56
C2 FAD C . 5.67 5.56 15.22
O2 FAD C . 6.61 5.94 14.52
N3 FAD C . 4.67 4.81 14.65
C4 FAD C . 3.56 4.31 15.30
O4 FAD C . 2.73 3.64 14.67
C4X FAD C . 3.49 4.65 16.70
N5 FAD C . 2.47 4.20 17.40
C5X FAD C . 2.42 4.52 18.74
C6 FAD C . 1.35 4.07 19.51
C7 FAD C . 1.26 4.36 20.87
C7M FAD C . 0.07 3.86 21.66
C8 FAD C . 2.26 5.12 21.48
C8M FAD C . 2.20 5.47 22.94
C9 FAD C . 3.33 5.58 20.72
C9A FAD C . 3.42 5.28 19.37
N10 FAD C . 4.50 5.72 18.58
C10 FAD C . 4.57 5.43 17.25
C1' FAD C . 5.57 6.53 19.17
C2' FAD C . 6.87 5.77 19.36
O2' FAD C . 6.62 4.51 19.99
C3' FAD C . 7.80 6.61 20.21
O3' FAD C . 7.85 7.92 19.65
C4' FAD C . 9.23 6.08 20.32
O4' FAD C . 9.28 5.04 21.28
C5' FAD C . 10.22 7.17 20.67
O5' FAD C . 11.51 6.57 20.91
P FAD C . 12.27 6.84 22.26
O1P FAD C . 13.44 5.86 22.36
O2P FAD C . 12.61 8.28 22.34
O3P FAD C . 11.19 6.48 23.38
S SO4 D . -1.66 13.44 20.47
O1 SO4 D . -2.38 12.28 19.96
O2 SO4 D . -2.61 14.46 20.90
O3 SO4 D . -0.81 13.99 19.41
O4 SO4 D . -0.83 13.03 21.60
S SO4 E . -5.87 19.48 21.63
O1 SO4 E . -6.29 18.10 21.44
O2 SO4 E . -6.69 20.11 22.67
O3 SO4 E . -6.05 20.22 20.37
O4 SO4 E . -4.46 19.51 22.01
S SO4 F . -20.24 13.11 42.59
O1 SO4 F . -20.87 12.63 43.81
O2 SO4 F . -20.82 14.39 42.21
O3 SO4 F . -18.80 13.28 42.81
O4 SO4 F . -20.45 12.14 41.51
CAA RD0 G . 21.48 -3.99 14.61
CAB RD0 G . 21.67 -2.75 13.76
CAC RD0 G . 21.07 -2.98 12.38
CAD RD0 G . 19.58 -3.28 12.53
CAE RD0 G . 19.40 -4.52 13.39
CAF RD0 G . 19.99 -4.28 14.76
CAH RD0 G . 19.56 -3.24 16.88
CAI RD0 G . 18.43 -2.42 17.48
CAJ RD0 G . 17.31 -2.47 16.45
CAK RD0 G . 17.86 -3.32 15.32
CAL RD0 G . 19.81 -5.53 15.60
CAN RD0 G . 18.66 -5.94 16.13
CAP RD0 G . 20.01 -7.58 16.87
CAQ RD0 G . 20.38 -8.69 17.50
CAR RD0 G . 21.69 -8.90 17.86
CAS RD0 G . 19.43 -9.67 17.81
CAT RD0 G . 19.88 -10.81 18.46
CAU RD0 G . 21.15 -10.95 18.78
CAV RD0 G . 22.05 -10.02 18.49
CAW RD0 G . 23.24 -10.43 18.93
CAX RD0 G . 23.08 -11.62 19.49
CAZ RD0 G . 21.18 -13.19 19.91
CBA RD0 G . 22.04 -13.82 21.01
CBB RD0 G . 22.01 -15.34 20.87
CBC RD0 G . 22.13 -15.98 22.24
CBD RD0 G . 22.03 -17.50 22.10
CBF RD0 G . 20.64 -17.29 20.16
CBG RD0 G . 20.70 -15.77 20.22
NAG RD0 G . 19.32 -3.16 15.44
NAO RD0 G . 18.77 -7.08 16.84
NAY RD0 G . 21.80 -11.95 19.41
NBE RD0 G . 20.75 -17.88 21.49
SAM RD0 G . 21.03 -6.59 16.00
S SO4 H . 33.91 13.62 38.41
O1 SO4 H . 33.11 13.49 39.63
O2 SO4 H . 33.04 14.07 37.32
O3 SO4 H . 34.98 14.59 38.62
O4 SO4 H . 34.49 12.32 38.06
PA FAD I . -9.34 -3.03 -25.16
O1A FAD I . -9.52 -4.49 -25.03
O2A FAD I . -9.48 -2.28 -23.85
O5B FAD I . -10.32 -2.36 -26.19
C5B FAD I . -10.64 -3.00 -27.44
C4B FAD I . -12.12 -2.84 -27.72
O4B FAD I . -12.34 -2.84 -29.14
C3B FAD I . -13.03 -3.92 -27.12
O3B FAD I . -14.06 -3.32 -26.34
C2B FAD I . -13.60 -4.64 -28.35
O2B FAD I . -14.96 -4.99 -28.14
C1B FAD I . -13.52 -3.55 -29.41
N9A FAD I . -13.45 -4.03 -30.79
C8A FAD I . -12.73 -5.10 -31.25
N7A FAD I . -12.82 -5.28 -32.55
C5A FAD I . -13.65 -4.25 -32.97
C6A FAD I . -14.14 -3.86 -34.23
N6A FAD I . -13.85 -4.52 -35.37
N1A FAD I . -14.93 -2.78 -34.30
C2A FAD I . -15.22 -2.12 -33.17
N3A FAD I . -14.83 -2.38 -31.93
C4A FAD I . -14.03 -3.46 -31.90
N1 FAD I . -3.91 -4.57 -17.56
C2 FAD I . -3.49 -3.90 -16.44
O2 FAD I . -2.88 -2.84 -16.52
N3 FAD I . -3.75 -4.43 -15.19
C4 FAD I . -4.42 -5.61 -14.93
O4 FAD I . -4.60 -5.98 -13.77
C4X FAD I . -4.87 -6.32 -16.13
N5 FAD I . -5.50 -7.44 -15.98
C5X FAD I . -5.94 -8.10 -17.12
C6 FAD I . -6.63 -9.31 -16.99
C7 FAD I . -7.07 -10.01 -18.12
C7M FAD I . -7.82 -11.30 -17.94
C8 FAD I . -6.82 -9.49 -19.39
C8M FAD I . -7.28 -10.23 -20.63
C9 FAD I . -6.13 -8.29 -19.53
C9A FAD I . -5.68 -7.60 -18.40
N10 FAD I . -4.98 -6.38 -18.51
C10 FAD I . -4.57 -5.71 -17.39
C1' FAD I . -4.69 -5.80 -19.82
C2' FAD I . -5.81 -4.89 -20.32
O2' FAD I . -7.07 -5.57 -20.25
C3' FAD I . -5.53 -4.50 -21.77
O3' FAD I . -4.12 -4.43 -21.97
C4' FAD I . -6.17 -3.17 -22.12
O4' FAD I . -7.59 -3.30 -22.02
C5' FAD I . -5.78 -2.69 -23.51
O5' FAD I . -6.70 -1.65 -23.91
P FAD I . -7.05 -1.43 -25.42
O1P FAD I . -7.94 -0.19 -25.57
O2P FAD I . -5.79 -1.41 -26.24
O3P FAD I . -7.91 -2.71 -25.76
S SO4 J . -8.16 -40.01 -25.36
O1 SO4 J . -8.29 -38.63 -24.88
O2 SO4 J . -9.25 -40.82 -24.83
O3 SO4 J . -6.89 -40.57 -24.91
O4 SO4 J . -8.20 -40.01 -26.82
N1 EPE K . -16.08 -12.86 -33.73
C2 EPE K . -15.03 -12.35 -34.63
C3 EPE K . -13.80 -11.90 -33.88
N4 EPE K . -13.42 -12.78 -32.79
C5 EPE K . -14.50 -13.25 -31.94
C6 EPE K . -15.80 -12.56 -32.33
C7 EPE K . -12.12 -12.66 -32.19
C8 EPE K . -10.99 -12.44 -33.19
O8 EPE K . -11.04 -11.10 -33.66
C9 EPE K . -17.40 -12.32 -34.11
C10 EPE K . -18.16 -13.33 -34.94
S EPE K . -19.63 -12.64 -35.74
O1S EPE K . -19.55 -11.18 -35.79
O2S EPE K . -20.82 -13.02 -35.01
O3S EPE K . -19.67 -13.18 -37.10
CAA RD0 L . -12.01 11.04 -18.04
CAB RD0 L . -12.34 11.90 -16.83
CAC RD0 L . -11.54 11.43 -15.63
CAD RD0 L . -11.88 9.97 -15.34
CAE RD0 L . -11.55 9.12 -16.56
CAF RD0 L . -12.36 9.60 -17.74
CAH RD0 L . -13.02 9.13 -20.00
CAI RD0 L . -13.06 7.90 -20.90
CAJ RD0 L . -12.69 6.73 -19.98
CAK RD0 L . -12.49 7.36 -18.62
CAL RD0 L . -13.84 9.50 -17.40
CAN RD0 L . -14.39 8.57 -16.62
CAP RD0 L . -16.22 9.76 -17.15
CAQ RD0 L . -17.51 10.11 -17.17
CAR RD0 L . -17.92 11.22 -17.87
CAS RD0 L . -18.45 9.34 -16.50
CAT RD0 L . -19.78 9.75 -16.55
CAU RD0 L . -20.12 10.84 -17.23
CAV RD0 L . -19.21 11.57 -17.88
CAW RD0 L . -19.84 12.59 -18.46
CAX RD0 L . -21.14 12.49 -18.18
CAZ RD0 L . -22.60 10.94 -16.88
CBA RD0 L . -23.68 12.02 -17.01
CBB RD0 L . -24.13 12.46 -15.61
CBC RD0 L . -22.98 12.28 -14.64
CBD RD0 L . -23.39 12.81 -13.26
CBF RD0 L . -24.89 14.39 -14.26
CBG RD0 L . -24.53 13.92 -15.66
NAG RD0 L . -12.10 8.75 -18.92
NAO RD0 L . -15.72 8.71 -16.48
NAY RD0 L . -21.31 11.42 -17.42
NBE RD0 L . -23.76 14.23 -13.34
SAM RD0 L . -15.01 10.55 -17.95
N1 EPE M . 4.49 -16.45 -21.16
C2 EPE M . 4.59 -17.91 -21.07
C3 EPE M . 4.47 -18.53 -22.45
N4 EPE M . 5.65 -18.20 -23.27
C5 EPE M . 6.18 -16.88 -22.89
C6 EPE M . 5.05 -15.97 -22.43
C7 EPE M . 6.69 -19.22 -23.07
C8 EPE M . 7.87 -18.92 -23.98
O8 EPE M . 7.40 -18.42 -25.23
C9 EPE M . 3.08 -16.05 -21.07
C10 EPE M . 2.98 -14.65 -20.48
S EPE M . 1.58 -13.92 -21.00
O1S EPE M . 1.08 -13.00 -19.95
O2S EPE M . 0.55 -14.95 -21.27
O3S EPE M . 1.85 -13.16 -22.24
H21 EPE M . 3.79 -18.29 -20.43
H22 EPE M . 5.55 -18.18 -20.62
H31 EPE M . 3.57 -18.18 -22.94
H32 EPE M . 4.39 -19.63 -22.37
H51 EPE M . 6.68 -16.42 -23.75
H52 EPE M . 6.91 -16.99 -22.09
H61 EPE M . 4.26 -15.94 -23.19
H62 EPE M . 5.42 -14.95 -22.31
H71 EPE M . 6.29 -20.20 -23.28
H72 EPE M . 7.03 -19.20 -22.02
H81 EPE M . 8.44 -19.84 -24.15
H82 EPE M . 8.54 -18.20 -23.51
HO8 EPE M . 6.48 -18.68 -25.37
H91 EPE M . 2.62 -16.07 -22.06
H92 EPE M . 2.54 -16.75 -20.42
H101 EPE M . 2.99 -14.69 -19.39
H102 EPE M . 3.84 -14.05 -20.80
C1 GOL N . -12.30 -37.65 -9.04
O1 GOL N . -13.40 -37.91 -8.24
C2 GOL N . -11.40 -36.65 -8.25
O2 GOL N . -11.39 -36.96 -6.89
C3 GOL N . -10.00 -36.77 -8.90
O3 GOL N . -10.17 -36.56 -10.27
H11 GOL N . -11.78 -38.44 -9.26
H12 GOL N . -12.55 -37.26 -9.90
HO1 GOL N . -13.20 -37.66 -7.46
H2 GOL N . -11.76 -35.75 -8.32
HO2 GOL N . -11.27 -36.23 -6.47
H31 GOL N . -9.41 -36.13 -8.48
H32 GOL N . -9.63 -37.64 -8.71
HO3 GOL N . -10.15 -37.33 -10.65
C1 GOL O . 1.04 18.84 -19.78
O1 GOL O . 0.40 18.66 -18.55
C2 GOL O . 2.40 18.13 -19.69
O2 GOL O . 3.11 18.19 -20.89
C3 GOL O . 3.14 18.84 -18.55
O3 GOL O . 4.40 18.25 -18.44
H11 GOL O . 0.53 18.48 -20.53
H12 GOL O . 1.17 19.78 -19.98
HO1 GOL O . -0.37 19.02 -18.62
H2 GOL O . 2.29 17.19 -19.50
HO2 GOL O . 3.67 18.81 -20.82
H31 GOL O . 3.18 19.80 -18.73
H32 GOL O . 2.63 18.76 -17.73
HO3 GOL O . 4.53 18.09 -17.62
C1 GOL P . 25.30 9.15 3.42
O1 GOL P . 24.90 10.36 3.97
C2 GOL P . 25.31 8.11 4.57
O2 GOL P . 25.28 6.81 4.10
C3 GOL P . 26.61 8.41 5.38
O3 GOL P . 26.62 9.77 5.67
H11 GOL P . 24.71 8.83 2.71
H12 GOL P . 26.19 9.20 3.02
HO1 GOL P . 25.44 10.95 3.68
H2 GOL P . 24.52 8.22 5.13
HO2 GOL P . 25.93 6.70 3.57
H31 GOL P . 26.64 7.84 6.16
H32 GOL P . 27.38 8.14 4.85
HO3 GOL P . 27.40 10.06 5.48
C1 GOL Q . 12.82 -22.33 -18.79
O1 GOL Q . 14.10 -22.63 -19.23
C2 GOL Q . 12.86 -20.89 -18.18
O2 GOL Q . 11.72 -20.15 -18.47
C3 GOL Q . 13.04 -21.11 -16.66
O3 GOL Q . 11.82 -21.60 -16.20
H11 GOL Q . 12.15 -22.35 -19.50
H12 GOL Q . 12.52 -22.96 -18.12
HO1 GOL Q . 14.04 -23.34 -19.69
H2 GOL Q . 13.61 -20.39 -18.55
HO2 GOL Q . 11.05 -20.69 -18.49
H31 GOL Q . 13.31 -20.27 -16.24
H32 GOL Q . 13.77 -21.72 -16.50
HO3 GOL Q . 11.24 -21.03 -16.40
#